data_3W73
#
_entry.id   3W73
#
_cell.length_a   68.410
_cell.length_b   71.957
_cell.length_c   129.733
_cell.angle_alpha   90.000
_cell.angle_beta   90.000
_cell.angle_gamma   90.000
#
_symmetry.space_group_name_H-M   'P 21 21 21'
#
loop_
_entity.id
_entity.type
_entity.pdbx_description
1 polymer 'Dihydroorotate dehydrogenase (fumarate)'
2 non-polymer '2,6-dioxo-5-[2-(phenanthren-9-yl)ethyl]-1,2,3,6- tetrahydropyrimidine-4-carboxylic acid'
3 non-polymer GLYCEROL
4 non-polymer 'FLAVIN MONONUCLEOTIDE'
5 non-polymer 'COBALT HEXAMMINE(III)'
6 water water
#
_entity_poly.entity_id   1
_entity_poly.type   'polypeptide(L)'
_entity_poly.pdbx_seq_one_letter_code
;MCLKLNLLDHVFANPFMNAAGVLCSTEEDLRCMTASSSGALVSKSCTSAPRDGNPEPRYMAFPLGSINSMGLPNLGFDFY
LKYASDLHDYSKKPLFLSISGLSVEENVAMVRRLAPVAQEKGVLLELNLSCPNVPGKPQVAYDFEAMRTYLQQVSLAYGL
PFGVKMPPYFDIAHFDTAAAVLNEFPLVKFVTCVNSVGNGLVIDAESESVVIKPKQGFGGLGGKYILPTALANVNAFYRR
CPDKLVFGCGGVYSGEDAFLHILAGASMVQVGTALQEEGPGIFTRLEDELLEIMARKGYRTLEEFRGRVKTIE
;
_entity_poly.pdbx_strand_id   A,B
#
loop_
_chem_comp.id
_chem_comp.type
_chem_comp.name
_chem_comp.formula
FMN non-polymer 'FLAVIN MONONUCLEOTIDE' 'C17 H21 N4 O9 P'
GOL non-polymer GLYCEROL 'C3 H8 O3'
NCO non-polymer 'COBALT HEXAMMINE(III)' 'Co H18 N6 3'
W73 non-polymer '2,6-dioxo-5-[2-(phenanthren-9-yl)ethyl]-1,2,3,6- tetrahydropyrimidine-4-carboxylic acid' 'C21 H16 N2 O4'
#
# COMPACT_ATOMS: atom_id res chain seq x y z
N MET A 1 31.96 4.77 20.45
CA MET A 1 31.02 5.04 19.30
C MET A 1 29.65 5.64 19.71
N CYS A 2 29.36 6.80 19.14
CA CYS A 2 28.06 7.43 19.36
C CYS A 2 27.46 7.64 17.97
N LEU A 3 26.17 7.94 17.94
CA LEU A 3 25.39 8.05 16.70
C LEU A 3 25.06 9.49 16.40
N LYS A 4 25.82 10.48 17.01
CA LYS A 4 25.55 11.88 16.89
C LYS A 4 25.65 12.24 15.39
N LEU A 5 24.85 13.22 14.93
CA LEU A 5 24.82 13.80 13.61
C LEU A 5 24.36 15.28 13.53
N ASN A 6 24.65 15.95 12.41
CA ASN A 6 24.35 17.32 12.11
C ASN A 6 23.60 17.35 10.86
N LEU A 7 22.44 18.02 10.86
CA LEU A 7 21.52 18.21 9.67
C LEU A 7 20.77 19.51 9.84
N LEU A 8 20.47 20.16 8.73
CA LEU A 8 19.66 21.36 8.75
C LEU A 8 20.19 22.40 9.79
N ASP A 9 21.49 22.47 9.99
CA ASP A 9 22.09 23.43 10.94
C ASP A 9 21.78 23.16 12.40
N HIS A 10 21.42 21.92 12.70
CA HIS A 10 21.24 21.49 14.05
C HIS A 10 22.01 20.22 14.35
N VAL A 11 22.29 20.00 15.62
CA VAL A 11 23.00 18.79 16.03
C VAL A 11 22.00 17.83 16.66
N PHE A 12 22.14 16.55 16.31
CA PHE A 12 21.26 15.53 16.86
C PHE A 12 22.12 14.42 17.51
N ALA A 13 21.70 13.97 18.67
CA ALA A 13 22.40 12.89 19.43
C ALA A 13 22.30 11.54 18.70
N ASN A 14 21.28 11.36 17.87
CA ASN A 14 21.02 10.10 17.20
C ASN A 14 19.91 10.39 16.17
N PRO A 15 19.68 9.49 15.21
CA PRO A 15 18.74 9.76 14.10
C PRO A 15 17.27 9.51 14.43
N PHE A 16 16.98 9.08 15.64
CA PHE A 16 15.62 8.71 15.98
C PHE A 16 14.72 9.83 16.46
N MET A 17 13.44 9.77 16.06
CA MET A 17 12.38 10.65 16.60
C MET A 17 11.06 10.00 16.53
N ASN A 18 10.03 10.58 17.19
CA ASN A 18 8.72 10.15 17.00
C ASN A 18 8.24 10.53 15.62
N ALA A 19 7.29 9.79 15.17
CA ALA A 19 6.47 10.17 13.99
C ALA A 19 5.44 11.13 14.43
N ALA A 20 5.14 12.14 13.58
CA ALA A 20 4.10 13.06 13.87
C ALA A 20 2.77 12.32 14.18
N GLY A 21 2.10 12.79 15.22
CA GLY A 21 0.83 12.24 15.65
C GLY A 21 0.97 11.24 16.80
N VAL A 22 2.14 10.66 16.99
CA VAL A 22 2.33 9.71 18.10
C VAL A 22 3.14 10.35 19.26
N LEU A 23 2.58 10.30 20.47
CA LEU A 23 3.17 10.87 21.69
C LEU A 23 3.61 12.33 21.55
N CYS A 24 2.72 13.17 21.03
CA CYS A 24 3.12 14.52 20.80
C CYS A 24 1.98 15.50 20.74
N SER A 25 0.88 15.17 21.32
CA SER A 25 -0.33 16.06 21.19
C SER A 25 -0.45 17.08 22.30
N THR A 26 -0.09 16.72 23.50
CA THR A 26 -0.26 17.56 24.65
C THR A 26 1.08 17.99 25.24
N GLU A 27 1.06 18.98 26.14
CA GLU A 27 2.27 19.39 26.76
C GLU A 27 2.96 18.22 27.48
N GLU A 28 2.16 17.43 28.16
CA GLU A 28 2.68 16.21 28.79
C GLU A 28 3.41 15.28 27.80
N ASP A 29 2.81 15.03 26.65
CA ASP A 29 3.43 14.15 25.64
C ASP A 29 4.79 14.74 25.20
N LEU A 30 4.82 16.05 24.94
CA LEU A 30 5.99 16.71 24.40
C LEU A 30 7.13 16.73 25.42
N ARG A 31 6.77 16.93 26.68
CA ARG A 31 7.74 16.82 27.77
C ARG A 31 8.31 15.39 27.92
N CYS A 32 7.47 14.39 27.71
CA CYS A 32 7.88 12.98 27.76
C CYS A 32 8.82 12.61 26.59
N MET A 33 8.47 13.05 25.37
CA MET A 33 9.41 12.94 24.25
C MET A 33 10.73 13.70 24.47
N THR A 34 10.68 14.87 25.11
CA THR A 34 11.90 15.63 25.35
C THR A 34 12.79 14.88 26.34
N ALA A 35 12.17 14.27 27.33
CA ALA A 35 12.90 13.49 28.37
C ALA A 35 13.45 12.15 27.90
N SER A 36 12.89 11.63 26.79
CA SER A 36 13.36 10.40 26.17
C SER A 36 14.76 10.47 25.60
N SER A 37 15.26 9.33 25.17
CA SER A 37 16.57 9.32 24.51
C SER A 37 16.46 9.62 23.03
N SER A 38 15.29 10.01 22.52
CA SER A 38 15.26 10.29 21.06
C SER A 38 16.22 11.47 20.69
N GLY A 39 16.64 11.50 19.44
CA GLY A 39 17.46 12.57 18.93
C GLY A 39 16.72 13.86 18.65
N ALA A 40 15.43 13.78 18.42
CA ALA A 40 14.58 14.93 18.14
C ALA A 40 13.11 14.58 18.45
N LEU A 41 12.22 15.56 18.34
CA LEU A 41 10.82 15.27 18.45
C LEU A 41 10.05 16.13 17.52
N VAL A 42 8.85 15.69 17.15
CA VAL A 42 7.98 16.45 16.22
C VAL A 42 6.64 16.58 16.97
N SER A 43 6.04 17.79 16.95
CA SER A 43 4.73 17.96 17.57
C SER A 43 3.59 17.45 16.62
N LYS A 44 2.43 17.15 17.17
CA LYS A 44 1.22 16.75 16.45
C LYS A 44 0.87 17.72 15.31
N SER A 45 0.57 17.23 14.11
CA SER A 45 0.13 18.11 13.00
C SER A 45 -1.07 18.95 13.46
N CYS A 46 -1.04 20.25 13.20
CA CYS A 46 -2.07 21.08 13.80
C CYS A 46 -2.80 21.87 12.78
N THR A 47 -3.98 22.28 13.22
CA THR A 47 -4.83 23.26 12.50
C THR A 47 -4.86 24.60 13.30
N SER A 48 -5.39 25.66 12.66
CA SER A 48 -5.46 26.94 13.30
C SER A 48 -6.27 26.83 14.53
N ALA A 49 -7.39 26.12 14.47
CA ALA A 49 -8.26 26.00 15.64
C ALA A 49 -8.11 24.56 16.23
N PRO A 50 -8.32 24.40 17.54
CA PRO A 50 -8.31 23.04 18.17
C PRO A 50 -9.38 22.13 17.52
N ARG A 51 -9.16 20.80 17.55
CA ARG A 51 -10.08 19.81 17.00
C ARG A 51 -10.16 18.66 17.98
N ASP A 52 -11.38 18.14 18.09
CA ASP A 52 -11.63 17.00 18.93
C ASP A 52 -11.27 15.71 18.16
N GLY A 53 -11.25 15.78 16.87
CA GLY A 53 -11.06 14.53 16.06
C GLY A 53 -12.30 13.70 15.92
N ASN A 54 -12.13 12.50 15.37
CA ASN A 54 -13.22 11.56 15.11
C ASN A 54 -13.68 10.78 16.32
N PRO A 55 -14.90 10.17 16.22
CA PRO A 55 -15.39 9.34 17.30
C PRO A 55 -14.51 8.15 17.56
N GLU A 56 -14.44 7.70 18.82
CA GLU A 56 -13.62 6.53 19.23
C GLU A 56 -14.48 5.25 19.15
N PRO A 57 -13.90 4.07 18.91
CA PRO A 57 -12.47 3.83 18.69
C PRO A 57 -11.96 4.27 17.37
N ARG A 58 -10.77 4.88 17.39
CA ARG A 58 -10.24 5.56 16.18
C ARG A 58 -8.79 5.09 15.88
N TYR A 59 -8.23 4.28 16.76
CA TYR A 59 -6.89 3.71 16.60
C TYR A 59 -7.00 2.31 17.13
N MET A 60 -6.39 1.33 16.45
CA MET A 60 -6.23 -0.04 16.96
C MET A 60 -4.93 -0.62 16.43
N ALA A 61 -4.23 -1.36 17.28
CA ALA A 61 -3.03 -2.07 16.94
C ALA A 61 -3.13 -3.55 17.11
N PHE A 62 -2.28 -4.25 16.36
CA PHE A 62 -2.30 -5.68 16.23
C PHE A 62 -0.89 -6.12 15.99
N PRO A 63 -0.64 -7.42 16.04
CA PRO A 63 0.74 -7.82 15.91
C PRO A 63 1.41 -7.30 14.67
N LEU A 64 0.70 -7.17 13.54
CA LEU A 64 1.34 -6.72 12.30
C LEU A 64 1.35 -5.18 12.11
N GLY A 65 0.69 -4.43 12.97
CA GLY A 65 0.64 -3.02 12.72
C GLY A 65 -0.57 -2.36 13.32
N SER A 66 -0.98 -1.24 12.74
CA SER A 66 -2.04 -0.41 13.33
C SER A 66 -2.85 0.15 12.21
N ILE A 67 -4.04 0.58 12.60
CA ILE A 67 -4.99 1.30 11.72
C ILE A 67 -5.53 2.49 12.47
N ASN A 68 -5.66 3.63 11.80
CA ASN A 68 -6.18 4.81 12.49
C ASN A 68 -6.99 5.68 11.55
N SER A 69 -8.03 6.29 12.12
CA SER A 69 -8.69 7.39 11.48
C SER A 69 -8.94 8.43 12.54
N MET A 70 -7.86 8.98 13.02
CA MET A 70 -7.95 9.89 14.17
C MET A 70 -8.76 11.14 13.89
N GLY A 71 -8.70 11.65 12.67
CA GLY A 71 -9.37 12.88 12.36
C GLY A 71 -8.69 14.15 12.82
N LEU A 72 -7.36 14.11 12.94
CA LEU A 72 -6.55 15.24 13.38
C LEU A 72 -6.97 15.94 14.68
N PRO A 73 -7.18 15.19 15.76
CA PRO A 73 -7.39 15.83 17.06
C PRO A 73 -6.09 16.58 17.43
N ASN A 74 -6.19 17.83 17.87
CA ASN A 74 -5.00 18.57 18.23
C ASN A 74 -5.46 19.80 19.03
N LEU A 75 -4.48 20.35 19.73
CA LEU A 75 -4.71 21.48 20.64
C LEU A 75 -4.76 22.86 19.97
N GLY A 76 -4.52 22.89 18.68
CA GLY A 76 -4.53 24.10 17.92
C GLY A 76 -3.14 24.72 17.78
N PHE A 77 -2.90 25.42 16.68
CA PHE A 77 -1.61 26.05 16.37
C PHE A 77 -1.07 26.94 17.52
N ASP A 78 -1.94 27.76 18.11
CA ASP A 78 -1.50 28.62 19.16
C ASP A 78 -0.78 27.88 20.28
N PHE A 79 -1.28 26.71 20.65
CA PHE A 79 -0.65 25.91 21.67
C PHE A 79 0.74 25.39 21.21
N TYR A 80 0.85 24.87 19.97
CA TYR A 80 2.13 24.28 19.56
C TYR A 80 3.17 25.39 19.33
N LEU A 81 2.72 26.52 18.85
CA LEU A 81 3.58 27.69 18.73
C LEU A 81 4.12 28.15 20.05
N LYS A 82 3.26 28.22 21.05
CA LYS A 82 3.65 28.58 22.40
C LYS A 82 4.66 27.57 22.98
N TYR A 83 4.39 26.29 22.77
CA TYR A 83 5.34 25.24 23.13
C TYR A 83 6.72 25.50 22.48
N ALA A 84 6.72 25.77 21.17
CA ALA A 84 7.99 26.01 20.40
C ALA A 84 8.71 27.30 20.92
N SER A 85 7.91 28.28 21.27
CA SER A 85 8.40 29.59 21.59
C SER A 85 8.86 29.73 23.03
N ASP A 86 8.13 29.16 23.97
CA ASP A 86 8.34 29.42 25.41
C ASP A 86 8.65 28.20 26.26
N LEU A 87 8.26 26.97 25.85
CA LEU A 87 8.30 25.80 26.75
C LEU A 87 9.34 24.71 26.39
N HIS A 88 9.65 24.60 25.13
CA HIS A 88 10.60 23.54 24.70
C HIS A 88 12.01 23.93 25.10
N ASP A 89 12.71 22.96 25.66
CA ASP A 89 14.07 23.09 26.00
C ASP A 89 15.01 22.67 24.84
N TYR A 90 15.46 23.65 24.05
CA TYR A 90 16.29 23.36 22.90
C TYR A 90 17.68 22.83 23.22
N SER A 91 18.10 22.92 24.49
CA SER A 91 19.36 22.37 24.91
C SER A 91 19.28 20.85 24.95
N LYS A 92 18.09 20.29 25.02
CA LYS A 92 17.89 18.84 25.11
C LYS A 92 17.89 18.15 23.72
N LYS A 93 17.21 18.76 22.73
CA LYS A 93 17.18 18.21 21.38
C LYS A 93 16.39 19.22 20.49
N PRO A 94 16.52 19.09 19.18
CA PRO A 94 15.75 19.88 18.27
C PRO A 94 14.28 19.52 18.23
N LEU A 95 13.47 20.48 17.80
CA LEU A 95 12.03 20.36 17.71
C LEU A 95 11.55 20.67 16.29
N PHE A 96 10.72 19.74 15.76
CA PHE A 96 10.01 19.96 14.54
C PHE A 96 8.53 20.25 14.89
N LEU A 97 7.90 21.18 14.17
CA LEU A 97 6.49 21.49 14.37
C LEU A 97 5.75 21.11 13.06
N SER A 98 4.72 20.23 13.13
CA SER A 98 4.00 19.76 11.95
C SER A 98 2.69 20.54 11.81
N ILE A 99 2.44 21.09 10.63
CA ILE A 99 1.17 21.74 10.35
C ILE A 99 0.39 20.98 9.26
N SER A 100 -0.94 20.94 9.44
CA SER A 100 -1.81 20.28 8.51
C SER A 100 -3.09 21.10 8.39
N GLY A 101 -2.95 22.33 7.92
CA GLY A 101 -4.16 23.15 7.61
C GLY A 101 -5.11 22.52 6.60
N LEU A 102 -6.39 22.88 6.74
CA LEU A 102 -7.48 22.35 5.86
C LEU A 102 -7.50 23.05 4.49
N SER A 103 -6.70 24.11 4.32
CA SER A 103 -6.62 24.77 3.02
C SER A 103 -5.30 25.42 2.93
N VAL A 104 -4.94 25.81 1.73
CA VAL A 104 -3.76 26.54 1.57
C VAL A 104 -3.73 27.84 2.37
N GLU A 105 -4.86 28.55 2.48
CA GLU A 105 -4.84 29.83 3.25
C GLU A 105 -4.56 29.62 4.70
N GLU A 106 -5.07 28.54 5.23
CA GLU A 106 -4.86 28.22 6.64
C GLU A 106 -3.36 27.93 6.87
N ASN A 107 -2.76 27.09 6.02
CA ASN A 107 -1.30 26.85 6.15
C ASN A 107 -0.47 28.12 6.03
N VAL A 108 -0.80 29.02 5.07
CA VAL A 108 -0.07 30.27 4.91
C VAL A 108 -0.14 31.11 6.19
N ALA A 109 -1.34 31.21 6.74
CA ALA A 109 -1.56 31.91 7.99
C ALA A 109 -0.72 31.37 9.13
N MET A 110 -0.61 30.06 9.27
CA MET A 110 0.20 29.52 10.38
C MET A 110 1.66 29.71 10.09
N VAL A 111 2.14 29.46 8.87
CA VAL A 111 3.58 29.62 8.62
C VAL A 111 4.10 31.09 8.75
N ARG A 112 3.24 32.07 8.43
CA ARG A 112 3.70 33.48 8.63
C ARG A 112 3.99 33.75 10.10
N ARG A 113 3.26 33.12 11.01
CA ARG A 113 3.44 33.31 12.43
C ARG A 113 4.57 32.45 12.98
N LEU A 114 4.81 31.29 12.35
CA LEU A 114 5.88 30.42 12.73
C LEU A 114 7.27 31.02 12.36
N ALA A 115 7.36 31.73 11.24
CA ALA A 115 8.64 32.19 10.71
C ALA A 115 9.52 32.88 11.75
N PRO A 116 8.97 33.85 12.51
CA PRO A 116 9.86 34.54 13.49
C PRO A 116 10.32 33.68 14.66
N VAL A 117 9.48 32.70 15.07
CA VAL A 117 9.86 31.73 16.09
C VAL A 117 10.96 30.78 15.59
N ALA A 118 10.83 30.30 14.33
CA ALA A 118 11.89 29.55 13.63
C ALA A 118 13.21 30.32 13.54
N GLN A 119 13.12 31.61 13.22
CA GLN A 119 14.34 32.44 13.18
C GLN A 119 14.94 32.55 14.56
N GLU A 120 14.14 32.81 15.59
CA GLU A 120 14.69 33.08 16.94
C GLU A 120 15.10 31.83 17.68
N LYS A 121 14.31 30.75 17.57
CA LYS A 121 14.50 29.52 18.36
C LYS A 121 15.06 28.32 17.57
N GLY A 122 14.93 28.31 16.24
CA GLY A 122 15.41 27.22 15.44
C GLY A 122 14.42 26.02 15.33
N VAL A 123 13.17 26.17 15.77
CA VAL A 123 12.13 25.15 15.46
C VAL A 123 12.06 24.91 13.94
N LEU A 124 11.93 23.65 13.54
CA LEU A 124 11.86 23.25 12.13
C LEU A 124 10.46 22.92 11.71
N LEU A 125 10.03 23.40 10.54
CA LEU A 125 8.65 23.14 10.07
C LEU A 125 8.60 21.82 9.24
N GLU A 126 7.59 20.97 9.51
CA GLU A 126 7.23 19.81 8.66
C GLU A 126 5.81 20.04 8.18
N LEU A 127 5.62 20.24 6.86
CA LEU A 127 4.32 20.43 6.30
C LEU A 127 3.66 19.13 5.91
N ASN A 128 2.53 18.79 6.49
CA ASN A 128 1.87 17.50 6.17
C ASN A 128 0.98 17.63 4.93
N LEU A 129 1.42 17.06 3.81
CA LEU A 129 0.68 17.14 2.51
C LEU A 129 -0.34 16.05 2.33
N SER A 130 -0.59 15.26 3.39
CA SER A 130 -1.82 14.43 3.47
C SER A 130 -3.01 15.22 4.01
N CYS A 131 -3.22 16.41 3.48
CA CYS A 131 -4.29 17.26 3.99
C CYS A 131 -5.42 17.30 2.95
N PRO A 132 -6.57 17.93 3.30
CA PRO A 132 -7.71 17.91 2.39
C PRO A 132 -7.67 18.85 1.18
N ASN A 133 -8.38 18.43 0.14
CA ASN A 133 -8.34 19.07 -1.15
C ASN A 133 -9.73 19.58 -1.61
N VAL A 134 -9.81 20.04 -2.86
CA VAL A 134 -11.08 20.58 -3.41
C VAL A 134 -12.07 19.43 -3.78
N PRO A 135 -13.38 19.74 -3.95
CA PRO A 135 -14.45 18.76 -4.31
C PRO A 135 -14.11 17.71 -5.39
N GLY A 136 -14.38 16.44 -5.08
CA GLY A 136 -14.07 15.29 -5.96
C GLY A 136 -12.58 15.01 -6.14
N LYS A 137 -11.74 15.53 -5.24
CA LYS A 137 -10.31 15.44 -5.42
C LYS A 137 -9.60 14.64 -4.32
N PRO A 138 -8.50 14.01 -4.71
CA PRO A 138 -7.73 13.23 -3.72
C PRO A 138 -7.00 14.11 -2.74
N GLN A 139 -6.34 13.50 -1.76
CA GLN A 139 -5.52 14.25 -0.84
C GLN A 139 -4.51 15.09 -1.64
N VAL A 140 -3.99 16.14 -1.01
CA VAL A 140 -3.18 17.13 -1.74
C VAL A 140 -1.97 16.47 -2.41
N ALA A 141 -1.30 15.57 -1.69
CA ALA A 141 -0.09 15.01 -2.30
C ALA A 141 -0.36 14.04 -3.45
N TYR A 142 -1.63 13.66 -3.65
CA TYR A 142 -2.03 12.84 -4.77
C TYR A 142 -2.67 13.67 -5.90
N ASP A 143 -2.53 14.99 -5.80
CA ASP A 143 -2.98 15.96 -6.82
C ASP A 143 -1.79 16.91 -7.04
N PHE A 144 -0.97 16.65 -8.06
CA PHE A 144 0.34 17.26 -8.15
C PHE A 144 0.16 18.75 -8.41
N GLU A 145 -0.96 19.17 -9.01
CA GLU A 145 -1.16 20.61 -9.22
C GLU A 145 -1.46 21.33 -7.91
N ALA A 146 -2.23 20.72 -7.04
CA ALA A 146 -2.48 21.29 -5.73
C ALA A 146 -1.18 21.30 -4.90
N MET A 147 -0.39 20.24 -5.05
CA MET A 147 0.87 20.18 -4.30
C MET A 147 1.79 21.32 -4.64
N ARG A 148 1.91 21.57 -5.94
CA ARG A 148 2.75 22.65 -6.41
C ARG A 148 2.21 24.00 -5.84
N THR A 149 0.91 24.20 -5.84
CA THR A 149 0.36 25.43 -5.25
C THR A 149 0.64 25.59 -3.80
N TYR A 150 0.39 24.52 -3.04
CA TYR A 150 0.69 24.59 -1.66
C TYR A 150 2.14 24.96 -1.44
N LEU A 151 3.06 24.29 -2.15
CA LEU A 151 4.48 24.52 -1.93
C LEU A 151 4.85 25.92 -2.40
N GLN A 152 4.27 26.39 -3.49
CA GLN A 152 4.58 27.79 -3.90
C GLN A 152 4.18 28.79 -2.83
N GLN A 153 2.97 28.63 -2.32
CA GLN A 153 2.44 29.58 -1.31
C GLN A 153 3.12 29.53 0.03
N VAL A 154 3.45 28.32 0.54
CA VAL A 154 4.18 28.21 1.78
C VAL A 154 5.57 28.70 1.65
N SER A 155 6.23 28.38 0.56
CA SER A 155 7.57 28.86 0.37
C SER A 155 7.57 30.40 0.43
N LEU A 156 6.60 31.02 -0.21
CA LEU A 156 6.62 32.50 -0.32
C LEU A 156 6.32 33.10 1.07
N ALA A 157 5.34 32.49 1.73
CA ALA A 157 4.91 32.95 3.02
C ALA A 157 5.91 32.71 4.14
N TYR A 158 6.62 31.57 4.10
CA TYR A 158 7.56 31.23 5.16
C TYR A 158 8.99 31.77 4.96
N GLY A 159 9.55 31.57 3.76
CA GLY A 159 10.87 32.07 3.41
C GLY A 159 12.08 31.45 4.04
N LEU A 160 11.87 30.32 4.71
CA LEU A 160 12.93 29.62 5.42
C LEU A 160 12.88 28.12 5.03
N PRO A 161 13.97 27.42 5.25
CA PRO A 161 14.06 25.93 5.02
C PRO A 161 12.93 25.21 5.74
N PHE A 162 12.31 24.25 5.08
CA PHE A 162 11.23 23.44 5.72
C PHE A 162 11.23 22.04 5.06
N GLY A 163 10.40 21.17 5.59
CA GLY A 163 10.14 19.87 5.02
C GLY A 163 8.72 19.51 4.81
N VAL A 164 8.55 18.37 4.15
CA VAL A 164 7.21 17.94 3.76
C VAL A 164 7.07 16.46 4.14
N LYS A 165 5.95 16.11 4.71
CA LYS A 165 5.57 14.74 5.03
C LYS A 165 4.70 14.23 3.87
N MET A 166 5.19 13.16 3.23
CA MET A 166 4.53 12.62 2.06
C MET A 166 3.77 11.29 2.32
N PRO A 167 2.65 11.05 1.60
CA PRO A 167 2.02 9.75 1.58
C PRO A 167 2.87 8.85 0.70
N PRO A 168 2.69 7.52 0.82
CA PRO A 168 3.36 6.59 -0.12
C PRO A 168 2.83 6.71 -1.53
N TYR A 169 3.73 6.51 -2.48
CA TYR A 169 3.36 6.25 -3.88
C TYR A 169 3.69 4.81 -4.26
N PHE A 170 3.05 4.36 -5.33
CA PHE A 170 3.07 2.92 -5.74
C PHE A 170 3.34 2.71 -7.20
N ASP A 171 3.75 3.78 -7.85
CA ASP A 171 3.90 3.83 -9.32
C ASP A 171 5.13 4.70 -9.65
N ILE A 172 6.05 4.13 -10.44
CA ILE A 172 7.31 4.80 -10.77
C ILE A 172 7.04 6.15 -11.43
N ALA A 173 6.02 6.23 -12.27
CA ALA A 173 5.72 7.54 -12.94
C ALA A 173 5.31 8.55 -11.87
N HIS A 174 4.62 8.09 -10.82
CA HIS A 174 4.29 8.98 -9.72
C HIS A 174 5.50 9.41 -8.92
N PHE A 175 6.46 8.51 -8.63
CA PHE A 175 7.71 8.92 -7.99
C PHE A 175 8.40 10.04 -8.83
N ASP A 176 8.45 9.83 -10.15
CA ASP A 176 9.09 10.82 -11.05
C ASP A 176 8.37 12.17 -10.97
N THR A 177 7.05 12.20 -10.98
CA THR A 177 6.26 13.44 -11.01
C THR A 177 6.39 14.15 -9.66
N ALA A 178 6.27 13.37 -8.58
CA ALA A 178 6.23 13.96 -7.25
C ALA A 178 7.60 14.52 -6.94
N ALA A 179 8.68 13.81 -7.28
CA ALA A 179 10.03 14.28 -7.02
C ALA A 179 10.35 15.57 -7.82
N ALA A 180 9.85 15.62 -9.04
CA ALA A 180 10.05 16.80 -9.89
C ALA A 180 9.34 18.01 -9.33
N VAL A 181 8.12 17.86 -8.83
CA VAL A 181 7.47 18.97 -8.08
C VAL A 181 8.32 19.41 -6.91
N LEU A 182 8.77 18.47 -6.05
CA LEU A 182 9.51 18.88 -4.91
C LEU A 182 10.81 19.59 -5.24
N ASN A 183 11.47 19.16 -6.30
CA ASN A 183 12.71 19.72 -6.77
C ASN A 183 12.55 21.14 -7.32
N GLU A 184 11.33 21.57 -7.51
CA GLU A 184 11.07 22.98 -7.96
C GLU A 184 11.24 23.93 -6.81
N PHE A 185 11.35 23.40 -5.56
CA PHE A 185 11.30 24.25 -4.36
C PHE A 185 12.56 24.15 -3.51
N PRO A 186 13.49 25.07 -3.72
CA PRO A 186 14.75 24.98 -3.00
C PRO A 186 14.66 25.08 -1.45
N LEU A 187 13.61 25.69 -0.93
CA LEU A 187 13.39 25.80 0.53
C LEU A 187 12.93 24.43 1.10
N VAL A 188 12.47 23.50 0.23
CA VAL A 188 12.11 22.15 0.74
C VAL A 188 13.42 21.39 0.92
N LYS A 189 13.90 21.29 2.13
CA LYS A 189 15.19 20.73 2.40
C LYS A 189 15.14 19.26 2.91
N PHE A 190 13.98 18.83 3.40
CA PHE A 190 13.79 17.40 3.77
C PHE A 190 12.43 16.94 3.35
N VAL A 191 12.36 15.65 3.07
CA VAL A 191 11.14 15.01 2.64
C VAL A 191 11.00 13.81 3.60
N THR A 192 9.87 13.64 4.25
CA THR A 192 9.66 12.53 5.15
C THR A 192 8.74 11.52 4.42
N CYS A 193 9.27 10.33 4.26
CA CYS A 193 8.61 9.23 3.53
C CYS A 193 8.51 8.11 4.59
N VAL A 194 7.35 7.66 5.02
CA VAL A 194 6.04 7.91 4.54
C VAL A 194 5.03 8.09 5.64
N ASN A 195 3.97 8.81 5.26
CA ASN A 195 2.70 8.76 6.07
C ASN A 195 2.06 7.34 6.02
N SER A 196 0.99 7.13 6.72
CA SER A 196 0.27 5.83 6.70
C SER A 196 -0.21 5.42 5.30
N VAL A 197 -0.25 4.14 5.06
CA VAL A 197 -0.78 3.60 3.80
C VAL A 197 -2.34 3.76 3.85
N GLY A 198 -2.89 4.58 2.95
CA GLY A 198 -4.26 5.06 3.10
C GLY A 198 -5.34 4.01 2.96
N ASN A 199 -6.40 4.17 3.76
CA ASN A 199 -7.65 3.43 3.54
C ASN A 199 -7.54 1.91 3.42
N GLY A 200 -6.83 1.33 4.37
CA GLY A 200 -6.95 -0.08 4.63
C GLY A 200 -8.18 -0.35 5.50
N LEU A 201 -8.45 -1.66 5.68
CA LEU A 201 -9.63 -2.13 6.38
C LEU A 201 -9.28 -3.36 7.19
N VAL A 202 -9.41 -3.26 8.50
CA VAL A 202 -9.16 -4.39 9.37
C VAL A 202 -10.51 -4.89 9.88
N ILE A 203 -10.69 -6.20 9.83
CA ILE A 203 -11.96 -6.86 10.22
C ILE A 203 -11.58 -7.88 11.26
N ASP A 204 -12.35 -7.91 12.35
CA ASP A 204 -12.23 -8.95 13.37
C ASP A 204 -13.16 -10.14 13.04
N ALA A 205 -12.60 -11.33 12.90
CA ALA A 205 -13.34 -12.51 12.53
C ALA A 205 -14.36 -12.90 13.57
N GLU A 206 -14.01 -12.82 14.84
CA GLU A 206 -14.94 -13.27 15.88
C GLU A 206 -16.26 -12.43 15.88
N SER A 207 -16.09 -11.12 15.92
CA SER A 207 -17.19 -10.20 15.98
C SER A 207 -17.81 -9.88 14.64
N GLU A 208 -17.10 -10.26 13.59
CA GLU A 208 -17.50 -9.93 12.18
C GLU A 208 -17.64 -8.43 11.91
N SER A 209 -16.83 -7.62 12.57
CA SER A 209 -16.95 -6.21 12.56
C SER A 209 -15.63 -5.58 12.24
N VAL A 210 -15.71 -4.40 11.67
CA VAL A 210 -14.55 -3.55 11.58
C VAL A 210 -14.13 -3.09 12.99
N VAL A 211 -12.92 -2.54 13.12
CA VAL A 211 -12.37 -2.35 14.45
C VAL A 211 -12.22 -0.87 14.85
N ILE A 212 -12.40 0.02 13.89
CA ILE A 212 -12.54 1.42 14.16
C ILE A 212 -13.88 1.97 13.67
N LYS A 213 -14.36 2.98 14.39
CA LYS A 213 -15.65 3.60 14.15
C LYS A 213 -15.79 4.53 12.94
N PRO A 214 -14.86 5.48 12.75
CA PRO A 214 -14.97 6.44 11.62
C PRO A 214 -14.82 5.74 10.26
N LYS A 215 -15.46 6.34 9.24
CA LYS A 215 -15.27 5.94 7.88
C LYS A 215 -15.55 4.46 7.63
N GLN A 216 -16.55 3.88 8.28
CA GLN A 216 -16.96 2.47 8.07
C GLN A 216 -15.77 1.50 8.26
N GLY A 217 -14.84 1.88 9.13
CA GLY A 217 -13.72 1.04 9.50
C GLY A 217 -12.46 1.28 8.70
N PHE A 218 -12.53 2.15 7.68
CA PHE A 218 -11.37 2.43 6.80
C PHE A 218 -10.38 3.38 7.52
N GLY A 219 -9.09 3.10 7.45
CA GLY A 219 -8.11 4.01 8.00
C GLY A 219 -6.73 3.73 7.52
N GLY A 220 -5.79 4.59 7.94
CA GLY A 220 -4.43 4.50 7.47
C GLY A 220 -3.70 3.40 8.26
N LEU A 221 -2.86 2.66 7.51
CA LEU A 221 -2.07 1.58 8.07
C LEU A 221 -0.62 2.02 8.39
N GLY A 222 -0.14 1.57 9.55
CA GLY A 222 1.25 1.64 9.91
C GLY A 222 1.78 0.34 10.48
N GLY A 223 3.07 0.33 10.79
CA GLY A 223 3.72 -0.82 11.36
C GLY A 223 4.27 -1.81 10.32
N LYS A 224 4.29 -3.09 10.68
CA LYS A 224 4.98 -4.09 9.86
C LYS A 224 4.40 -4.22 8.48
N TYR A 225 3.10 -3.98 8.33
CA TYR A 225 2.49 -4.05 7.02
C TYR A 225 3.23 -3.17 6.03
N ILE A 226 3.82 -2.05 6.48
CA ILE A 226 4.18 -0.98 5.52
C ILE A 226 5.69 -0.83 5.30
N LEU A 227 6.50 -1.63 5.97
CA LEU A 227 7.98 -1.47 5.85
C LEU A 227 8.51 -1.49 4.40
N PRO A 228 8.14 -2.49 3.57
CA PRO A 228 8.73 -2.43 2.23
C PRO A 228 8.26 -1.22 1.36
N THR A 229 7.08 -0.75 1.63
CA THR A 229 6.52 0.44 1.00
C THR A 229 7.27 1.66 1.43
N ALA A 230 7.55 1.75 2.72
CA ALA A 230 8.31 2.88 3.26
C ALA A 230 9.76 2.91 2.72
N LEU A 231 10.44 1.74 2.70
CA LEU A 231 11.80 1.64 2.13
C LEU A 231 11.80 2.04 0.70
N ALA A 232 10.77 1.66 -0.03
CA ALA A 232 10.74 2.03 -1.48
C ALA A 232 10.60 3.51 -1.71
N ASN A 233 9.72 4.15 -0.93
CA ASN A 233 9.53 5.58 -1.03
C ASN A 233 10.77 6.35 -0.57
N VAL A 234 11.41 5.89 0.48
CA VAL A 234 12.63 6.53 0.97
C VAL A 234 13.69 6.49 -0.18
N ASN A 235 13.89 5.31 -0.73
CA ASN A 235 14.95 5.13 -1.71
C ASN A 235 14.60 5.87 -3.01
N ALA A 236 13.33 5.88 -3.41
CA ALA A 236 12.95 6.57 -4.63
C ALA A 236 13.20 8.05 -4.57
N PHE A 237 12.87 8.68 -3.41
CA PHE A 237 13.12 10.08 -3.22
C PHE A 237 14.56 10.36 -2.97
N TYR A 238 15.27 9.43 -2.32
CA TYR A 238 16.69 9.62 -2.07
C TYR A 238 17.39 9.71 -3.42
N ARG A 239 17.01 8.82 -4.32
CA ARG A 239 17.62 8.80 -5.66
C ARG A 239 17.25 10.09 -6.50
N ARG A 240 16.05 10.57 -6.33
CA ARG A 240 15.52 11.62 -7.22
C ARG A 240 15.74 13.01 -6.64
N CYS A 241 16.10 13.10 -5.37
CA CYS A 241 16.24 14.44 -4.70
C CYS A 241 17.63 14.63 -4.08
N PRO A 242 18.65 14.76 -4.96
CA PRO A 242 19.96 14.63 -4.40
C PRO A 242 20.41 15.83 -3.56
N ASP A 243 19.75 16.97 -3.69
CA ASP A 243 20.00 18.17 -2.94
C ASP A 243 19.09 18.32 -1.70
N LYS A 244 18.28 17.29 -1.35
CA LYS A 244 17.48 17.31 -0.15
C LYS A 244 17.88 16.14 0.77
N LEU A 245 17.44 16.18 2.01
CA LEU A 245 17.52 15.01 2.87
C LEU A 245 16.17 14.24 2.82
N VAL A 246 16.22 12.92 3.06
CA VAL A 246 15.04 12.10 3.19
C VAL A 246 15.02 11.60 4.62
N PHE A 247 13.87 11.70 5.25
CA PHE A 247 13.60 11.20 6.62
C PHE A 247 12.78 9.98 6.39
N GLY A 248 13.12 8.87 7.06
CA GLY A 248 12.37 7.68 6.88
C GLY A 248 11.39 7.46 8.01
N CYS A 249 10.21 6.99 7.65
CA CYS A 249 9.14 6.67 8.55
C CYS A 249 8.32 5.50 8.02
N GLY A 250 8.05 4.49 8.83
CA GLY A 250 7.17 3.40 8.44
C GLY A 250 7.81 2.06 8.82
N GLY A 251 7.15 1.37 9.73
CA GLY A 251 7.50 0.01 9.98
C GLY A 251 8.77 -0.18 10.81
N VAL A 252 9.24 0.85 11.54
CA VAL A 252 10.46 0.64 12.35
C VAL A 252 10.07 0.08 13.71
N TYR A 253 10.52 -1.13 14.03
CA TYR A 253 10.34 -1.74 15.33
C TYR A 253 11.69 -2.14 15.97
N SER A 254 12.78 -2.05 15.25
CA SER A 254 14.08 -2.56 15.69
C SER A 254 15.17 -1.73 15.07
N GLY A 255 16.36 -1.86 15.63
CA GLY A 255 17.54 -1.28 15.03
C GLY A 255 17.82 -1.83 13.63
N GLU A 256 17.47 -3.09 13.38
CA GLU A 256 17.62 -3.66 12.04
C GLU A 256 16.72 -2.88 11.06
N ASP A 257 15.51 -2.61 11.48
CA ASP A 257 14.59 -1.89 10.55
C ASP A 257 15.13 -0.48 10.25
N ALA A 258 15.63 0.19 11.28
CA ALA A 258 16.30 1.50 11.13
C ALA A 258 17.49 1.47 10.24
N PHE A 259 18.31 0.43 10.41
CA PHE A 259 19.47 0.16 9.52
C PHE A 259 19.04 0.11 8.04
N LEU A 260 17.93 -0.60 7.79
CA LEU A 260 17.36 -0.69 6.42
C LEU A 260 16.88 0.68 5.89
N HIS A 261 16.18 1.47 6.71
CA HIS A 261 15.84 2.83 6.35
C HIS A 261 17.08 3.65 5.94
N ILE A 262 18.14 3.59 6.76
CA ILE A 262 19.32 4.35 6.49
C ILE A 262 20.03 3.87 5.17
N LEU A 263 20.13 2.57 4.99
CA LEU A 263 20.70 1.98 3.76
C LEU A 263 19.94 2.51 2.52
N ALA A 264 18.65 2.68 2.70
CA ALA A 264 17.78 3.16 1.63
C ALA A 264 17.97 4.67 1.34
N GLY A 265 18.49 5.40 2.36
CA GLY A 265 18.77 6.82 2.21
C GLY A 265 18.36 7.77 3.36
N ALA A 266 17.78 7.24 4.42
CA ALA A 266 17.22 8.03 5.48
C ALA A 266 18.31 8.72 6.31
N SER A 267 18.11 10.00 6.57
CA SER A 267 18.96 10.77 7.49
C SER A 267 18.39 10.66 8.90
N MET A 268 17.11 10.91 9.08
CA MET A 268 16.45 10.70 10.41
C MET A 268 15.48 9.56 10.14
N VAL A 269 15.18 8.84 11.21
CA VAL A 269 14.28 7.70 11.26
C VAL A 269 13.21 7.99 12.33
N GLN A 270 11.96 8.01 11.87
CA GLN A 270 10.80 8.26 12.71
C GLN A 270 10.11 6.94 13.08
N VAL A 271 9.54 6.93 14.29
CA VAL A 271 8.90 5.80 14.85
C VAL A 271 7.47 6.16 15.27
N GLY A 272 6.45 5.48 14.66
CA GLY A 272 5.08 5.75 14.91
C GLY A 272 4.44 4.62 15.69
N THR A 273 3.89 3.64 15.01
CA THR A 273 3.18 2.53 15.63
C THR A 273 4.01 1.86 16.74
N ALA A 274 5.26 1.60 16.49
CA ALA A 274 6.04 0.88 17.51
C ALA A 274 6.25 1.66 18.81
N LEU A 275 6.30 2.94 18.66
CA LEU A 275 6.41 3.91 19.78
C LEU A 275 5.06 3.97 20.51
N GLN A 276 4.00 4.05 19.76
CA GLN A 276 2.63 4.00 20.40
C GLN A 276 2.49 2.70 21.19
N GLU A 277 3.01 1.59 20.68
CA GLU A 277 2.81 0.34 21.36
C GLU A 277 3.78 0.09 22.51
N GLU A 278 5.04 0.51 22.39
CA GLU A 278 6.09 0.18 23.33
C GLU A 278 6.38 1.29 24.34
N GLY A 279 6.08 2.51 23.95
CA GLY A 279 6.37 3.64 24.77
C GLY A 279 7.82 4.18 24.51
N PRO A 280 8.19 5.31 25.13
CA PRO A 280 9.42 6.04 24.80
C PRO A 280 10.73 5.33 25.17
N GLY A 281 10.59 4.28 26.00
CA GLY A 281 11.77 3.37 26.21
C GLY A 281 12.31 2.75 24.93
N ILE A 282 11.47 2.66 23.87
CA ILE A 282 11.90 2.10 22.63
C ILE A 282 13.18 2.80 22.13
N PHE A 283 13.37 4.07 22.43
CA PHE A 283 14.49 4.81 21.84
C PHE A 283 15.86 4.32 22.31
N THR A 284 15.95 3.90 23.55
CA THR A 284 17.22 3.31 23.99
C THR A 284 17.49 1.96 23.39
N ARG A 285 16.45 1.12 23.19
CA ARG A 285 16.56 -0.16 22.47
C ARG A 285 16.96 0.02 21.03
N LEU A 286 16.35 0.93 20.32
CA LEU A 286 16.69 1.16 18.96
C LEU A 286 18.16 1.61 18.77
N GLU A 287 18.63 2.51 19.61
CA GLU A 287 19.98 3.00 19.53
C GLU A 287 20.95 1.86 19.76
N ASP A 288 20.68 1.07 20.81
CA ASP A 288 21.56 -0.05 21.17
C ASP A 288 21.64 -1.05 20.05
N GLU A 289 20.47 -1.38 19.47
CA GLU A 289 20.40 -2.34 18.40
C GLU A 289 21.10 -1.80 17.15
N LEU A 290 20.84 -0.57 16.74
CA LEU A 290 21.58 0.02 15.59
C LEU A 290 23.09 0.03 15.79
N LEU A 291 23.57 0.46 16.99
CA LEU A 291 25.00 0.46 17.26
C LEU A 291 25.60 -0.95 17.19
N GLU A 292 24.85 -1.95 17.60
CA GLU A 292 25.28 -3.35 17.59
C GLU A 292 25.43 -3.92 16.16
N ILE A 293 24.47 -3.64 15.31
CA ILE A 293 24.59 -3.95 13.86
C ILE A 293 25.80 -3.22 13.23
N MET A 294 25.97 -1.92 13.51
CA MET A 294 27.14 -1.14 12.99
C MET A 294 28.43 -1.83 13.44
N ALA A 295 28.52 -2.16 14.72
CA ALA A 295 29.75 -2.77 15.28
C ALA A 295 30.06 -4.08 14.58
N ARG A 296 29.05 -4.93 14.39
CA ARG A 296 29.25 -6.24 13.76
C ARG A 296 29.75 -6.06 12.32
N LYS A 297 29.24 -5.04 11.61
CA LYS A 297 29.62 -4.76 10.24
C LYS A 297 30.90 -3.96 10.07
N GLY A 298 31.40 -3.38 11.13
CA GLY A 298 32.56 -2.54 11.06
C GLY A 298 32.27 -1.11 10.63
N TYR A 299 31.04 -0.64 10.77
CA TYR A 299 30.74 0.72 10.39
C TYR A 299 30.91 1.62 11.62
N ARG A 300 31.59 2.73 11.45
CA ARG A 300 31.77 3.68 12.56
C ARG A 300 30.84 4.92 12.48
N THR A 301 30.32 5.22 11.30
CA THR A 301 29.46 6.35 11.09
C THR A 301 28.24 5.90 10.26
N LEU A 302 27.17 6.70 10.39
CA LEU A 302 26.00 6.54 9.53
C LEU A 302 26.28 6.86 8.08
N GLU A 303 27.08 7.89 7.85
CA GLU A 303 27.46 8.29 6.50
C GLU A 303 28.13 7.18 5.72
N GLU A 304 28.78 6.27 6.41
CA GLU A 304 29.44 5.19 5.68
C GLU A 304 28.48 4.30 4.90
N PHE A 305 27.23 4.18 5.35
CA PHE A 305 26.26 3.29 4.72
C PHE A 305 24.97 3.95 4.27
N ARG A 306 24.75 5.22 4.57
CA ARG A 306 23.48 5.82 4.23
C ARG A 306 23.35 5.86 2.73
N GLY A 307 22.23 5.34 2.24
CA GLY A 307 21.96 5.32 0.82
C GLY A 307 22.79 4.34 0.04
N ARG A 308 23.47 3.43 0.69
CA ARG A 308 24.33 2.52 -0.04
C ARG A 308 23.78 1.14 -0.23
N VAL A 309 22.46 1.02 -0.18
CA VAL A 309 21.81 -0.24 -0.55
C VAL A 309 22.37 -0.74 -1.87
N LYS A 310 22.70 -2.00 -1.90
CA LYS A 310 23.19 -2.59 -3.14
C LYS A 310 22.13 -3.18 -4.08
N THR A 311 22.26 -2.96 -5.40
CA THR A 311 21.33 -3.55 -6.43
C THR A 311 22.06 -4.75 -7.02
N ILE A 312 21.33 -5.58 -7.77
CA ILE A 312 21.90 -6.84 -8.31
C ILE A 312 22.26 -6.56 -9.77
N GLU A 313 23.54 -6.70 -10.10
CA GLU A 313 24.09 -6.58 -11.45
C GLU A 313 23.90 -5.19 -12.09
N MET B 1 -24.12 -27.89 5.55
CA MET B 1 -23.04 -26.83 5.39
C MET B 1 -22.29 -26.97 4.05
N CYS B 2 -22.19 -25.88 3.28
CA CYS B 2 -21.58 -26.04 1.98
C CYS B 2 -21.01 -24.77 1.40
N LEU B 3 -19.97 -25.00 0.62
CA LEU B 3 -19.16 -23.95 0.05
C LEU B 3 -19.53 -23.69 -1.40
N LYS B 4 -20.55 -24.37 -1.91
CA LYS B 4 -20.95 -24.26 -3.34
C LYS B 4 -21.32 -22.81 -3.68
N LEU B 5 -21.01 -22.39 -4.90
CA LEU B 5 -21.46 -21.12 -5.44
C LEU B 5 -21.96 -21.34 -6.82
N ASN B 6 -22.91 -20.54 -7.21
CA ASN B 6 -23.40 -20.57 -8.63
C ASN B 6 -23.33 -19.21 -9.10
N LEU B 7 -22.43 -18.90 -10.02
CA LEU B 7 -22.35 -17.53 -10.53
C LEU B 7 -21.84 -17.47 -11.91
N LEU B 8 -22.13 -16.36 -12.57
CA LEU B 8 -21.74 -16.20 -13.95
C LEU B 8 -22.10 -17.44 -14.79
N ASP B 9 -23.24 -18.05 -14.51
CA ASP B 9 -23.70 -19.20 -15.21
C ASP B 9 -22.84 -20.42 -15.10
N HIS B 10 -22.00 -20.48 -14.05
CA HIS B 10 -21.24 -21.68 -13.78
C HIS B 10 -21.47 -22.11 -12.37
N VAL B 11 -21.11 -23.33 -12.07
CA VAL B 11 -21.18 -23.85 -10.72
C VAL B 11 -19.74 -24.13 -10.21
N PHE B 12 -19.49 -23.77 -8.97
CA PHE B 12 -18.18 -23.83 -8.36
C PHE B 12 -18.29 -24.60 -7.04
N ALA B 13 -17.43 -25.61 -6.83
CA ALA B 13 -17.52 -26.44 -5.63
C ALA B 13 -17.21 -25.63 -4.41
N ASN B 14 -16.39 -24.61 -4.56
CA ASN B 14 -16.00 -23.79 -3.42
C ASN B 14 -15.46 -22.50 -4.01
N PRO B 15 -15.20 -21.47 -3.20
CA PRO B 15 -14.80 -20.17 -3.75
C PRO B 15 -13.32 -20.02 -4.07
N PHE B 16 -12.50 -21.02 -3.77
CA PHE B 16 -11.05 -20.88 -3.88
C PHE B 16 -10.52 -21.10 -5.29
N MET B 17 -9.56 -20.26 -5.68
CA MET B 17 -8.84 -20.43 -6.92
C MET B 17 -7.47 -19.84 -6.79
N ASN B 18 -6.58 -20.19 -7.74
CA ASN B 18 -5.30 -19.54 -7.78
C ASN B 18 -5.41 -18.04 -8.18
N ALA B 19 -4.48 -17.17 -7.70
CA ALA B 19 -4.31 -15.82 -8.28
C ALA B 19 -3.57 -15.89 -9.59
N ALA B 20 -3.94 -15.08 -10.58
CA ALA B 20 -3.23 -15.14 -11.80
C ALA B 20 -1.75 -14.90 -11.56
N GLY B 21 -0.93 -15.63 -12.32
CA GLY B 21 0.46 -15.62 -12.18
C GLY B 21 1.01 -16.71 -11.35
N VAL B 22 0.24 -17.33 -10.47
CA VAL B 22 0.78 -18.41 -9.61
C VAL B 22 0.22 -19.76 -10.06
N LEU B 23 1.11 -20.73 -10.31
CA LEU B 23 0.82 -22.13 -10.68
C LEU B 23 -0.11 -22.18 -11.85
N CYS B 24 0.23 -21.38 -12.85
CA CYS B 24 -0.68 -21.36 -14.03
C CYS B 24 -0.07 -20.96 -15.35
N SER B 25 1.23 -21.17 -15.50
CA SER B 25 1.94 -20.74 -16.73
C SER B 25 2.02 -21.79 -17.78
N THR B 26 2.21 -23.04 -17.39
CA THR B 26 2.51 -24.11 -18.33
C THR B 26 1.31 -25.08 -18.34
N GLU B 27 1.29 -26.02 -19.32
CA GLU B 27 0.26 -27.06 -19.31
C GLU B 27 0.35 -27.87 -18.02
N GLU B 28 1.58 -28.14 -17.61
CA GLU B 28 1.80 -28.88 -16.36
C GLU B 28 1.11 -28.15 -15.17
N ASP B 29 1.31 -26.84 -15.09
CA ASP B 29 0.73 -26.05 -14.01
C ASP B 29 -0.79 -26.12 -14.03
N LEU B 30 -1.39 -25.99 -15.23
CA LEU B 30 -2.82 -25.89 -15.37
C LEU B 30 -3.41 -27.24 -15.05
N ARG B 31 -2.77 -28.34 -15.47
CA ARG B 31 -3.22 -29.69 -15.10
C ARG B 31 -3.19 -29.92 -13.56
N CYS B 32 -2.17 -29.40 -12.93
CA CYS B 32 -2.01 -29.45 -11.48
C CYS B 32 -3.11 -28.67 -10.74
N MET B 33 -3.43 -27.46 -11.19
CA MET B 33 -4.48 -26.72 -10.59
C MET B 33 -5.82 -27.47 -10.86
N THR B 34 -6.01 -28.03 -12.05
CA THR B 34 -7.25 -28.77 -12.34
C THR B 34 -7.44 -29.97 -11.40
N ALA B 35 -6.32 -30.70 -11.14
CA ALA B 35 -6.31 -31.87 -10.23
C ALA B 35 -6.52 -31.50 -8.73
N SER B 36 -6.28 -30.23 -8.37
CA SER B 36 -6.38 -29.77 -7.00
C SER B 36 -7.82 -29.62 -6.53
N SER B 37 -8.01 -29.33 -5.24
CA SER B 37 -9.40 -29.15 -4.70
C SER B 37 -9.94 -27.79 -4.97
N SER B 38 -9.24 -26.96 -5.69
CA SER B 38 -9.73 -25.58 -5.92
C SER B 38 -11.09 -25.61 -6.62
N GLY B 39 -11.91 -24.59 -6.40
CA GLY B 39 -13.18 -24.47 -7.07
C GLY B 39 -13.10 -23.98 -8.52
N ALA B 40 -11.98 -23.34 -8.87
CA ALA B 40 -11.73 -22.88 -10.27
C ALA B 40 -10.23 -22.63 -10.45
N LEU B 41 -9.83 -22.26 -11.66
CA LEU B 41 -8.43 -21.82 -11.92
C LEU B 41 -8.42 -20.74 -12.93
N VAL B 42 -7.37 -19.96 -12.91
CA VAL B 42 -7.15 -18.86 -13.87
C VAL B 42 -5.79 -19.09 -14.54
N SER B 43 -5.71 -18.94 -15.84
CA SER B 43 -4.41 -19.09 -16.52
C SER B 43 -3.58 -17.81 -16.43
N LYS B 44 -2.25 -17.93 -16.50
CA LYS B 44 -1.35 -16.85 -16.48
C LYS B 44 -1.75 -15.74 -17.47
N SER B 45 -1.70 -14.50 -17.02
CA SER B 45 -1.94 -13.29 -17.88
C SER B 45 -1.03 -13.39 -19.07
N CYS B 46 -1.55 -13.25 -20.29
CA CYS B 46 -0.72 -13.48 -21.44
C CYS B 46 -0.74 -12.22 -22.36
N THR B 47 0.23 -12.25 -23.26
CA THR B 47 0.38 -11.29 -24.40
C THR B 47 0.23 -12.09 -25.67
N SER B 48 0.09 -11.40 -26.79
CA SER B 48 -0.03 -12.08 -28.04
C SER B 48 1.14 -12.98 -28.32
N ALA B 49 2.33 -12.48 -28.10
CA ALA B 49 3.52 -13.29 -28.32
C ALA B 49 4.03 -13.88 -26.97
N PRO B 50 4.69 -15.01 -27.04
CA PRO B 50 5.41 -15.48 -25.83
C PRO B 50 6.45 -14.49 -25.30
N ARG B 51 6.67 -14.53 -23.96
CA ARG B 51 7.62 -13.62 -23.29
C ARG B 51 8.48 -14.43 -22.31
N ASP B 52 9.78 -14.07 -22.26
CA ASP B 52 10.74 -14.70 -21.32
C ASP B 52 10.67 -14.06 -19.92
N GLY B 53 10.22 -12.86 -19.90
CA GLY B 53 10.08 -12.10 -18.69
C GLY B 53 11.41 -11.46 -18.29
N ASN B 54 11.43 -10.92 -17.08
CA ASN B 54 12.62 -10.25 -16.56
C ASN B 54 13.75 -11.17 -16.11
N PRO B 55 14.97 -10.61 -15.96
CA PRO B 55 16.03 -11.43 -15.40
C PRO B 55 15.79 -11.92 -13.99
N GLU B 56 16.32 -13.08 -13.63
CA GLU B 56 16.25 -13.63 -12.27
C GLU B 56 17.40 -13.16 -11.35
N PRO B 57 17.17 -13.08 -10.04
CA PRO B 57 15.96 -13.40 -9.28
C PRO B 57 14.88 -12.33 -9.48
N ARG B 58 13.64 -12.78 -9.64
CA ARG B 58 12.52 -11.87 -9.93
C ARG B 58 11.34 -12.13 -9.04
N TYR B 59 11.43 -13.08 -8.13
CA TYR B 59 10.43 -13.33 -7.13
C TYR B 59 11.18 -13.78 -5.90
N MET B 60 10.81 -13.24 -4.75
CA MET B 60 11.31 -13.76 -3.44
C MET B 60 10.22 -13.72 -2.42
N ALA B 61 10.21 -14.68 -1.51
CA ALA B 61 9.26 -14.72 -0.46
C ALA B 61 9.88 -14.78 0.92
N PHE B 62 9.08 -14.36 1.87
CA PHE B 62 9.53 -14.16 3.24
C PHE B 62 8.36 -14.40 4.15
N PRO B 63 8.63 -14.44 5.48
CA PRO B 63 7.54 -14.73 6.42
C PRO B 63 6.25 -13.88 6.26
N LEU B 64 6.41 -12.62 5.91
CA LEU B 64 5.25 -11.72 5.81
C LEU B 64 4.71 -11.52 4.40
N GLY B 65 5.34 -12.14 3.39
CA GLY B 65 4.81 -12.12 2.02
C GLY B 65 5.88 -12.20 0.98
N SER B 66 5.66 -11.57 -0.17
CA SER B 66 6.50 -11.73 -1.33
C SER B 66 6.62 -10.40 -2.08
N ILE B 67 7.66 -10.35 -2.90
CA ILE B 67 7.91 -9.30 -3.83
C ILE B 67 8.25 -9.88 -5.19
N ASN B 68 7.71 -9.28 -6.27
CA ASN B 68 8.01 -9.79 -7.60
C ASN B 68 8.11 -8.69 -8.61
N SER B 69 9.02 -8.86 -9.55
CA SER B 69 8.95 -8.08 -10.84
C SER B 69 9.19 -9.08 -11.94
N MET B 70 8.17 -9.93 -12.17
CA MET B 70 8.36 -11.06 -13.08
C MET B 70 8.53 -10.59 -14.54
N GLY B 71 7.85 -9.50 -14.92
CA GLY B 71 7.85 -9.03 -16.27
C GLY B 71 7.00 -9.83 -17.26
N LEU B 72 5.90 -10.37 -16.76
CA LEU B 72 4.96 -11.15 -17.54
C LEU B 72 5.58 -12.24 -18.46
N PRO B 73 6.35 -13.16 -17.90
CA PRO B 73 6.74 -14.34 -18.68
C PRO B 73 5.52 -15.19 -18.93
N ASN B 74 5.28 -15.62 -20.16
CA ASN B 74 4.09 -16.41 -20.46
C ASN B 74 4.32 -17.08 -21.84
N LEU B 75 3.52 -18.12 -22.08
CA LEU B 75 3.70 -18.95 -23.30
C LEU B 75 3.01 -18.34 -24.56
N GLY B 76 2.40 -17.20 -24.40
CA GLY B 76 1.64 -16.49 -25.51
C GLY B 76 0.18 -16.95 -25.59
N PHE B 77 -0.64 -16.10 -26.14
CA PHE B 77 -2.08 -16.25 -26.14
C PHE B 77 -2.48 -17.47 -26.85
N ASP B 78 -1.77 -17.85 -27.93
CA ASP B 78 -2.21 -19.01 -28.68
C ASP B 78 -2.20 -20.28 -27.81
N PHE B 79 -1.21 -20.40 -26.94
CA PHE B 79 -1.13 -21.51 -26.01
C PHE B 79 -2.27 -21.53 -25.01
N TYR B 80 -2.61 -20.40 -24.39
CA TYR B 80 -3.70 -20.36 -23.44
C TYR B 80 -5.08 -20.56 -24.07
N LEU B 81 -5.25 -20.05 -25.29
CA LEU B 81 -6.45 -20.25 -26.03
C LEU B 81 -6.63 -21.73 -26.41
N LYS B 82 -5.54 -22.40 -26.78
CA LYS B 82 -5.57 -23.85 -27.06
C LYS B 82 -5.92 -24.66 -25.82
N TYR B 83 -5.38 -24.25 -24.67
CA TYR B 83 -5.66 -24.96 -23.42
C TYR B 83 -7.18 -24.79 -23.17
N ALA B 84 -7.69 -23.58 -23.32
CA ALA B 84 -9.14 -23.35 -23.13
C ALA B 84 -10.03 -24.11 -24.12
N SER B 85 -9.60 -24.22 -25.37
CA SER B 85 -10.49 -24.75 -26.38
C SER B 85 -10.36 -26.25 -26.50
N ASP B 86 -9.18 -26.84 -26.26
CA ASP B 86 -8.94 -28.25 -26.52
C ASP B 86 -8.48 -29.08 -25.32
N LEU B 87 -7.84 -28.52 -24.30
CA LEU B 87 -7.21 -29.33 -23.28
C LEU B 87 -7.91 -29.33 -21.94
N HIS B 88 -8.49 -28.21 -21.57
CA HIS B 88 -9.10 -28.11 -20.23
C HIS B 88 -10.36 -28.99 -20.12
N ASP B 89 -10.47 -29.71 -18.99
CA ASP B 89 -11.65 -30.48 -18.68
C ASP B 89 -12.66 -29.67 -17.86
N TYR B 90 -13.70 -29.13 -18.51
CA TYR B 90 -14.65 -28.28 -17.86
C TYR B 90 -15.58 -29.05 -16.91
N SER B 91 -15.57 -30.38 -16.97
CA SER B 91 -16.37 -31.18 -16.01
C SER B 91 -15.66 -31.14 -14.62
N LYS B 92 -14.36 -30.85 -14.58
CA LYS B 92 -13.69 -30.73 -13.32
C LYS B 92 -14.05 -29.43 -12.58
N LYS B 93 -13.89 -28.29 -13.25
CA LYS B 93 -14.13 -27.00 -12.69
C LYS B 93 -14.07 -25.93 -13.80
N PRO B 94 -14.52 -24.71 -13.51
CA PRO B 94 -14.48 -23.66 -14.50
C PRO B 94 -13.06 -23.10 -14.62
N LEU B 95 -12.79 -22.51 -15.78
CA LEU B 95 -11.56 -21.87 -16.16
C LEU B 95 -11.78 -20.44 -16.51
N PHE B 96 -10.92 -19.59 -15.95
CA PHE B 96 -10.73 -18.19 -16.33
C PHE B 96 -9.45 -18.09 -17.14
N LEU B 97 -9.41 -17.22 -18.12
CA LEU B 97 -8.26 -16.95 -18.92
C LEU B 97 -7.96 -15.47 -18.74
N SER B 98 -6.76 -15.15 -18.25
CA SER B 98 -6.41 -13.75 -18.01
C SER B 98 -5.57 -13.24 -19.15
N ILE B 99 -5.83 -12.00 -19.57
CA ILE B 99 -4.98 -11.36 -20.54
C ILE B 99 -4.40 -10.04 -20.07
N SER B 100 -3.22 -9.68 -20.59
CA SER B 100 -2.58 -8.49 -20.18
C SER B 100 -1.74 -7.95 -21.32
N GLY B 101 -2.43 -7.58 -22.37
CA GLY B 101 -1.79 -6.92 -23.51
C GLY B 101 -1.06 -5.64 -23.17
N LEU B 102 -0.06 -5.32 -23.96
CA LEU B 102 0.75 -4.09 -23.74
C LEU B 102 0.18 -2.82 -24.36
N SER B 103 -0.91 -2.97 -25.05
CA SER B 103 -1.64 -1.88 -25.68
C SER B 103 -3.09 -2.30 -25.83
N VAL B 104 -3.97 -1.33 -26.05
CA VAL B 104 -5.35 -1.60 -26.28
C VAL B 104 -5.54 -2.44 -27.51
N GLU B 105 -4.80 -2.18 -28.60
CA GLU B 105 -4.97 -3.00 -29.75
C GLU B 105 -4.61 -4.48 -29.53
N GLU B 106 -3.55 -4.73 -28.77
CA GLU B 106 -3.17 -6.14 -28.50
C GLU B 106 -4.30 -6.86 -27.73
N ASN B 107 -4.87 -6.20 -26.74
CA ASN B 107 -5.98 -6.81 -25.99
C ASN B 107 -7.22 -7.03 -26.87
N VAL B 108 -7.53 -6.06 -27.75
CA VAL B 108 -8.63 -6.23 -28.68
C VAL B 108 -8.41 -7.46 -29.58
N ALA B 109 -7.18 -7.67 -30.09
CA ALA B 109 -6.94 -8.74 -30.99
C ALA B 109 -7.15 -10.08 -30.31
N MET B 110 -6.71 -10.19 -29.05
CA MET B 110 -6.88 -11.44 -28.31
C MET B 110 -8.33 -11.64 -27.96
N VAL B 111 -9.07 -10.63 -27.47
CA VAL B 111 -10.48 -10.92 -27.06
C VAL B 111 -11.36 -11.28 -28.31
N ARG B 112 -11.04 -10.71 -29.47
CA ARG B 112 -11.77 -11.11 -30.70
C ARG B 112 -11.73 -12.59 -31.00
N ARG B 113 -10.59 -13.19 -30.73
CA ARG B 113 -10.35 -14.58 -30.96
C ARG B 113 -10.80 -15.49 -29.81
N LEU B 114 -10.83 -14.96 -28.61
CA LEU B 114 -11.33 -15.70 -27.46
C LEU B 114 -12.87 -15.87 -27.51
N ALA B 115 -13.55 -14.85 -28.03
CA ALA B 115 -15.00 -14.79 -28.03
C ALA B 115 -15.69 -16.12 -28.42
N PRO B 116 -15.36 -16.73 -29.56
CA PRO B 116 -16.08 -17.95 -29.97
C PRO B 116 -15.84 -19.13 -29.02
N VAL B 117 -14.66 -19.14 -28.41
CA VAL B 117 -14.29 -20.18 -27.47
C VAL B 117 -15.00 -19.96 -26.15
N ALA B 118 -15.09 -18.71 -25.72
CA ALA B 118 -15.90 -18.33 -24.60
C ALA B 118 -17.32 -18.73 -24.74
N GLN B 119 -17.93 -18.42 -25.89
CA GLN B 119 -19.33 -18.85 -26.18
C GLN B 119 -19.52 -20.35 -26.23
N GLU B 120 -18.62 -21.09 -26.84
CA GLU B 120 -18.83 -22.51 -26.97
C GLU B 120 -18.40 -23.35 -25.79
N LYS B 121 -17.30 -23.00 -25.10
CA LYS B 121 -16.77 -23.83 -23.99
C LYS B 121 -17.03 -23.25 -22.60
N GLY B 122 -17.29 -21.97 -22.53
CA GLY B 122 -17.65 -21.34 -21.26
C GLY B 122 -16.41 -20.74 -20.50
N VAL B 123 -15.22 -20.75 -21.10
CA VAL B 123 -14.09 -20.02 -20.47
C VAL B 123 -14.43 -18.57 -20.20
N LEU B 124 -14.02 -18.07 -19.03
CA LEU B 124 -14.29 -16.74 -18.57
C LEU B 124 -13.08 -15.78 -18.64
N LEU B 125 -13.25 -14.62 -19.20
CA LEU B 125 -12.16 -13.68 -19.37
C LEU B 125 -11.92 -12.80 -18.16
N GLU B 126 -10.66 -12.67 -17.75
CA GLU B 126 -10.22 -11.69 -16.72
C GLU B 126 -9.21 -10.78 -17.41
N LEU B 127 -9.58 -9.54 -17.56
CA LEU B 127 -8.70 -8.55 -18.14
C LEU B 127 -7.84 -7.86 -17.07
N ASN B 128 -6.53 -7.96 -17.19
CA ASN B 128 -5.63 -7.38 -16.21
C ASN B 128 -5.33 -5.89 -16.53
N LEU B 129 -5.90 -5.00 -15.73
CA LEU B 129 -5.73 -3.57 -15.95
C LEU B 129 -4.55 -3.03 -15.15
N SER B 130 -3.94 -3.91 -14.35
CA SER B 130 -2.98 -3.52 -13.31
C SER B 130 -1.68 -3.79 -13.91
N CYS B 131 -1.41 -3.04 -14.96
CA CYS B 131 -0.51 -3.42 -15.96
C CYS B 131 0.08 -2.21 -16.86
N PRO B 132 1.34 -2.31 -17.33
CA PRO B 132 1.86 -1.27 -18.30
C PRO B 132 1.07 -0.64 -19.48
N ASN B 133 1.19 0.66 -19.55
CA ASN B 133 0.61 1.56 -20.55
C ASN B 133 1.87 2.06 -21.29
N VAL B 134 1.85 3.28 -21.76
CA VAL B 134 3.05 3.91 -22.28
C VAL B 134 4.09 4.07 -21.21
N PRO B 135 5.37 3.67 -21.45
CA PRO B 135 6.33 4.00 -20.35
C PRO B 135 6.47 5.51 -19.94
N GLY B 136 6.60 5.78 -18.65
CA GLY B 136 6.43 7.11 -18.05
C GLY B 136 5.02 7.54 -17.72
N LYS B 137 4.04 6.71 -18.06
CA LYS B 137 2.68 6.92 -17.56
C LYS B 137 2.41 5.79 -16.51
N PRO B 138 1.50 6.07 -15.60
CA PRO B 138 1.11 5.07 -14.60
C PRO B 138 0.46 3.89 -15.24
N GLN B 139 0.46 2.77 -14.51
CA GLN B 139 -0.14 1.61 -15.02
C GLN B 139 -1.60 1.92 -15.45
N VAL B 140 -2.18 1.11 -16.35
CA VAL B 140 -3.51 1.48 -16.93
C VAL B 140 -4.63 1.84 -15.90
N ALA B 141 -4.80 1.07 -14.80
CA ALA B 141 -5.86 1.34 -13.85
C ALA B 141 -5.56 2.52 -12.93
N TYR B 142 -4.36 3.07 -13.02
CA TYR B 142 -4.10 4.32 -12.37
C TYR B 142 -4.18 5.48 -13.35
N ASP B 143 -4.72 5.26 -14.53
CA ASP B 143 -4.92 6.33 -15.52
C ASP B 143 -6.35 6.14 -16.01
N PHE B 144 -7.26 6.88 -15.38
CA PHE B 144 -8.67 6.55 -15.59
C PHE B 144 -9.15 6.79 -16.99
N GLU B 145 -8.54 7.75 -17.71
CA GLU B 145 -8.90 7.85 -19.16
C GLU B 145 -8.46 6.65 -20.01
N ALA B 146 -7.28 6.09 -19.76
CA ALA B 146 -6.85 4.90 -20.46
C ALA B 146 -7.69 3.70 -20.05
N MET B 147 -8.07 3.63 -18.77
CA MET B 147 -8.90 2.52 -18.33
C MET B 147 -10.25 2.57 -19.05
N ARG B 148 -10.81 3.76 -19.18
CA ARG B 148 -12.09 3.83 -19.90
C ARG B 148 -11.95 3.38 -21.34
N THR B 149 -10.85 3.78 -21.96
CA THR B 149 -10.57 3.40 -23.37
C THR B 149 -10.44 1.92 -23.54
N TYR B 150 -9.66 1.32 -22.62
CA TYR B 150 -9.48 -0.10 -22.67
C TYR B 150 -10.80 -0.79 -22.54
N LEU B 151 -11.63 -0.47 -21.54
CA LEU B 151 -12.93 -1.13 -21.35
C LEU B 151 -13.96 -0.92 -22.51
N GLN B 152 -13.97 0.26 -23.08
CA GLN B 152 -14.83 0.52 -24.23
C GLN B 152 -14.49 -0.42 -25.40
N GLN B 153 -13.19 -0.50 -25.70
CA GLN B 153 -12.77 -1.28 -26.87
C GLN B 153 -12.87 -2.80 -26.67
N VAL B 154 -12.53 -3.28 -25.46
CA VAL B 154 -12.71 -4.65 -25.15
C VAL B 154 -14.18 -5.02 -25.09
N SER B 155 -15.01 -4.17 -24.53
CA SER B 155 -16.45 -4.44 -24.53
C SER B 155 -16.97 -4.61 -25.96
N LEU B 156 -16.62 -3.67 -26.81
CA LEU B 156 -17.10 -3.72 -28.21
C LEU B 156 -16.57 -4.96 -28.94
N ALA B 157 -15.31 -5.31 -28.73
CA ALA B 157 -14.66 -6.42 -29.44
C ALA B 157 -15.05 -7.79 -28.95
N TYR B 158 -15.32 -7.89 -27.63
CA TYR B 158 -15.66 -9.17 -27.04
C TYR B 158 -17.18 -9.49 -27.05
N GLY B 159 -17.96 -8.57 -26.55
CA GLY B 159 -19.43 -8.65 -26.62
C GLY B 159 -20.03 -9.62 -25.66
N LEU B 160 -19.23 -10.10 -24.68
CA LEU B 160 -19.66 -11.14 -23.73
C LEU B 160 -19.27 -10.68 -22.35
N PRO B 161 -19.90 -11.22 -21.33
CA PRO B 161 -19.52 -10.84 -19.93
C PRO B 161 -18.05 -11.16 -19.65
N PHE B 162 -17.37 -10.26 -18.97
CA PHE B 162 -16.01 -10.54 -18.58
C PHE B 162 -15.74 -9.86 -17.24
N GLY B 163 -14.54 -10.03 -16.73
CA GLY B 163 -14.15 -9.28 -15.55
C GLY B 163 -12.81 -8.66 -15.62
N VAL B 164 -12.48 -7.88 -14.59
CA VAL B 164 -11.31 -7.09 -14.60
C VAL B 164 -10.49 -7.32 -13.32
N LYS B 165 -9.17 -7.33 -13.42
CA LYS B 165 -8.27 -7.38 -12.26
C LYS B 165 -7.67 -6.03 -11.99
N MET B 166 -7.89 -5.51 -10.77
CA MET B 166 -7.61 -4.15 -10.39
C MET B 166 -6.45 -4.07 -9.41
N PRO B 167 -5.62 -3.05 -9.53
CA PRO B 167 -4.62 -2.75 -8.53
C PRO B 167 -5.32 -2.17 -7.32
N PRO B 168 -4.64 -2.16 -6.18
CA PRO B 168 -5.18 -1.45 -5.06
C PRO B 168 -5.19 0.06 -5.21
N TYR B 169 -6.20 0.68 -4.58
CA TYR B 169 -6.27 2.12 -4.41
C TYR B 169 -6.20 2.47 -2.90
N PHE B 170 -5.87 3.72 -2.61
CA PHE B 170 -5.46 4.19 -1.29
C PHE B 170 -6.19 5.47 -0.87
N ASP B 171 -7.05 5.97 -1.76
CA ASP B 171 -7.70 7.27 -1.55
C ASP B 171 -9.16 7.08 -1.92
N ILE B 172 -10.05 7.60 -1.08
CA ILE B 172 -11.50 7.42 -1.30
C ILE B 172 -11.92 8.03 -2.67
N ALA B 173 -11.24 9.10 -3.05
CA ALA B 173 -11.63 9.73 -4.30
C ALA B 173 -11.32 8.83 -5.48
N HIS B 174 -10.25 8.04 -5.35
CA HIS B 174 -9.93 7.03 -6.34
C HIS B 174 -10.90 5.87 -6.36
N PHE B 175 -11.36 5.38 -5.18
CA PHE B 175 -12.38 4.33 -5.13
C PHE B 175 -13.57 4.84 -5.89
N ASP B 176 -13.93 6.10 -5.64
CA ASP B 176 -15.16 6.65 -6.24
C ASP B 176 -15.07 6.72 -7.75
N THR B 177 -13.96 7.22 -8.22
CA THR B 177 -13.76 7.40 -9.64
C THR B 177 -13.60 6.10 -10.36
N ALA B 178 -12.80 5.17 -9.82
CA ALA B 178 -12.63 3.86 -10.45
C ALA B 178 -13.93 3.07 -10.53
N ALA B 179 -14.74 3.03 -9.47
CA ALA B 179 -16.02 2.30 -9.50
C ALA B 179 -16.97 2.90 -10.51
N ALA B 180 -16.96 4.20 -10.59
CA ALA B 180 -17.79 4.91 -11.58
C ALA B 180 -17.39 4.54 -12.98
N VAL B 181 -16.07 4.50 -13.28
CA VAL B 181 -15.63 4.03 -14.57
C VAL B 181 -16.16 2.61 -14.84
N LEU B 182 -15.93 1.68 -13.89
CA LEU B 182 -16.37 0.35 -14.11
C LEU B 182 -17.88 0.20 -14.32
N ASN B 183 -18.65 1.02 -13.61
CA ASN B 183 -20.09 0.99 -13.69
C ASN B 183 -20.63 1.54 -15.04
N GLU B 184 -19.78 2.17 -15.82
CA GLU B 184 -20.17 2.58 -17.21
C GLU B 184 -20.25 1.35 -18.13
N PHE B 185 -19.71 0.18 -17.70
CA PHE B 185 -19.64 -1.04 -18.55
C PHE B 185 -20.42 -2.21 -18.05
N PRO B 186 -21.60 -2.42 -18.62
CA PRO B 186 -22.40 -3.51 -18.17
C PRO B 186 -21.87 -4.91 -18.45
N LEU B 187 -20.98 -5.06 -19.40
CA LEU B 187 -20.40 -6.37 -19.61
C LEU B 187 -19.33 -6.73 -18.52
N VAL B 188 -18.91 -5.77 -17.72
CA VAL B 188 -17.94 -6.07 -16.66
C VAL B 188 -18.78 -6.65 -15.53
N LYS B 189 -18.74 -7.93 -15.38
CA LYS B 189 -19.61 -8.61 -14.42
C LYS B 189 -18.89 -8.97 -13.12
N PHE B 190 -17.57 -9.02 -13.14
CA PHE B 190 -16.83 -9.20 -11.89
C PHE B 190 -15.63 -8.30 -11.83
N VAL B 191 -15.18 -7.98 -10.61
CA VAL B 191 -14.03 -7.13 -10.39
C VAL B 191 -13.18 -7.85 -9.33
N THR B 192 -11.91 -8.11 -9.68
CA THR B 192 -11.00 -8.83 -8.80
C THR B 192 -10.13 -7.79 -8.12
N CYS B 193 -10.22 -7.72 -6.78
CA CYS B 193 -9.48 -6.78 -5.96
C CYS B 193 -8.66 -7.64 -4.99
N VAL B 194 -7.31 -7.65 -4.99
CA VAL B 194 -6.44 -6.70 -5.65
C VAL B 194 -5.26 -7.42 -6.25
N ASN B 195 -4.70 -6.79 -7.27
CA ASN B 195 -3.33 -7.10 -7.67
C ASN B 195 -2.30 -6.68 -6.57
N SER B 196 -1.01 -6.92 -6.82
CA SER B 196 0.06 -6.58 -5.87
C SER B 196 0.12 -5.09 -5.54
N VAL B 197 0.59 -4.79 -4.35
CA VAL B 197 0.78 -3.47 -3.90
C VAL B 197 2.09 -3.02 -4.60
N GLY B 198 1.96 -2.05 -5.48
CA GLY B 198 3.09 -1.74 -6.37
C GLY B 198 4.33 -1.13 -5.76
N ASN B 199 5.49 -1.50 -6.39
CA ASN B 199 6.80 -0.84 -6.17
C ASN B 199 7.14 -0.69 -4.71
N GLY B 200 7.00 -1.80 -4.01
CA GLY B 200 7.66 -1.95 -2.72
C GLY B 200 9.15 -2.23 -2.91
N LEU B 201 9.87 -2.30 -1.80
CA LEU B 201 11.30 -2.52 -1.83
C LEU B 201 11.71 -3.35 -0.62
N VAL B 202 12.18 -4.55 -0.87
CA VAL B 202 12.70 -5.40 0.23
C VAL B 202 14.25 -5.38 0.23
N ILE B 203 14.81 -5.15 1.42
CA ILE B 203 16.25 -5.06 1.60
C ILE B 203 16.66 -6.10 2.64
N ASP B 204 17.68 -6.85 2.29
CA ASP B 204 18.27 -7.86 3.15
C ASP B 204 19.40 -7.21 4.02
N ALA B 205 19.21 -7.16 5.32
CA ALA B 205 20.17 -6.45 6.21
C ALA B 205 21.56 -7.07 6.20
N GLU B 206 21.64 -8.39 6.09
CA GLU B 206 22.97 -9.03 6.14
C GLU B 206 23.79 -8.63 4.91
N SER B 207 23.20 -8.85 3.75
CA SER B 207 23.92 -8.55 2.52
C SER B 207 23.84 -7.09 2.09
N GLU B 208 22.98 -6.29 2.75
CA GLU B 208 22.81 -4.87 2.41
C GLU B 208 22.37 -4.62 1.01
N SER B 209 21.65 -5.60 0.49
CA SER B 209 21.25 -5.66 -0.90
C SER B 209 19.74 -5.84 -1.07
N VAL B 210 19.18 -5.22 -2.14
CA VAL B 210 17.82 -5.59 -2.54
C VAL B 210 17.80 -7.11 -2.93
N VAL B 211 16.61 -7.70 -3.04
CA VAL B 211 16.51 -9.15 -3.20
C VAL B 211 16.03 -9.65 -4.55
N ILE B 212 15.58 -8.73 -5.40
CA ILE B 212 15.26 -9.03 -6.77
C ILE B 212 16.07 -8.12 -7.71
N LYS B 213 16.39 -8.63 -8.88
CA LYS B 213 17.26 -7.93 -9.78
C LYS B 213 16.63 -6.82 -10.64
N PRO B 214 15.43 -7.05 -11.22
CA PRO B 214 14.85 -6.02 -12.05
C PRO B 214 14.53 -4.71 -11.29
N LYS B 215 14.53 -3.57 -11.97
CA LYS B 215 14.00 -2.31 -11.44
C LYS B 215 14.66 -1.92 -10.13
N GLN B 216 15.95 -2.18 -10.00
CA GLN B 216 16.71 -1.78 -8.77
C GLN B 216 16.10 -2.30 -7.48
N GLY B 217 15.47 -3.45 -7.57
CA GLY B 217 14.90 -4.10 -6.40
C GLY B 217 13.46 -3.80 -6.15
N PHE B 218 12.86 -2.86 -6.87
CA PHE B 218 11.44 -2.51 -6.71
C PHE B 218 10.47 -3.53 -7.34
N GLY B 219 9.45 -3.93 -6.61
CA GLY B 219 8.49 -4.83 -7.19
C GLY B 219 7.22 -4.94 -6.40
N GLY B 220 6.28 -5.70 -6.94
CA GLY B 220 4.92 -5.71 -6.37
C GLY B 220 4.88 -6.64 -5.13
N LEU B 221 4.12 -6.22 -4.12
CA LEU B 221 4.07 -6.90 -2.82
C LEU B 221 2.76 -7.70 -2.72
N GLY B 222 2.91 -8.94 -2.24
CA GLY B 222 1.81 -9.76 -1.90
C GLY B 222 1.99 -10.38 -0.53
N GLY B 223 0.94 -11.05 -0.09
CA GLY B 223 0.99 -11.79 1.12
C GLY B 223 0.44 -11.05 2.34
N LYS B 224 0.99 -11.36 3.54
CA LYS B 224 0.45 -10.81 4.80
C LYS B 224 0.56 -9.30 4.87
N TYR B 225 1.52 -8.72 4.14
CA TYR B 225 1.63 -7.24 4.07
C TYR B 225 0.35 -6.61 3.61
N ILE B 226 -0.40 -7.28 2.73
CA ILE B 226 -1.40 -6.58 1.96
C ILE B 226 -2.84 -6.92 2.31
N LEU B 227 -3.08 -7.74 3.35
CA LEU B 227 -4.47 -8.15 3.66
C LEU B 227 -5.41 -6.99 3.97
N PRO B 228 -5.04 -6.07 4.86
CA PRO B 228 -6.01 -4.99 5.10
C PRO B 228 -6.26 -4.08 3.87
N THR B 229 -5.24 -3.90 3.02
CA THR B 229 -5.39 -3.17 1.79
C THR B 229 -6.39 -3.90 0.88
N ALA B 230 -6.22 -5.24 0.81
CA ALA B 230 -7.04 -6.06 -0.03
C ALA B 230 -8.54 -6.03 0.44
N LEU B 231 -8.76 -6.16 1.75
CA LEU B 231 -10.06 -6.12 2.31
C LEU B 231 -10.74 -4.76 2.04
N ALA B 232 -10.00 -3.68 2.16
CA ALA B 232 -10.57 -2.36 1.93
C ALA B 232 -11.08 -2.24 0.49
N ASN B 233 -10.23 -2.71 -0.43
CA ASN B 233 -10.58 -2.65 -1.86
C ASN B 233 -11.78 -3.52 -2.20
N VAL B 234 -11.81 -4.74 -1.65
CA VAL B 234 -12.93 -5.61 -1.87
C VAL B 234 -14.22 -4.93 -1.40
N ASN B 235 -14.18 -4.37 -0.18
CA ASN B 235 -15.38 -3.79 0.39
C ASN B 235 -15.75 -2.50 -0.32
N ALA B 236 -14.75 -1.69 -0.67
CA ALA B 236 -15.03 -0.44 -1.37
C ALA B 236 -15.80 -0.67 -2.67
N PHE B 237 -15.31 -1.64 -3.46
CA PHE B 237 -15.96 -1.98 -4.74
C PHE B 237 -17.28 -2.72 -4.52
N TYR B 238 -17.40 -3.57 -3.49
CA TYR B 238 -18.65 -4.25 -3.15
C TYR B 238 -19.70 -3.24 -2.89
N ARG B 239 -19.34 -2.18 -2.14
CA ARG B 239 -20.35 -1.15 -1.84
C ARG B 239 -20.69 -0.28 -3.06
N ARG B 240 -19.72 -0.02 -3.92
CA ARG B 240 -19.88 0.89 -5.07
C ARG B 240 -20.41 0.25 -6.35
N CYS B 241 -20.33 -1.08 -6.45
CA CYS B 241 -20.73 -1.84 -7.68
C CYS B 241 -21.78 -2.88 -7.42
N PRO B 242 -23.02 -2.42 -7.08
CA PRO B 242 -24.03 -3.36 -6.60
C PRO B 242 -24.51 -4.35 -7.68
N ASP B 243 -24.33 -4.05 -8.97
CA ASP B 243 -24.67 -5.00 -10.03
C ASP B 243 -23.52 -5.86 -10.51
N LYS B 244 -22.35 -5.84 -9.84
CA LYS B 244 -21.21 -6.66 -10.24
C LYS B 244 -20.83 -7.58 -9.05
N LEU B 245 -20.16 -8.65 -9.38
CA LEU B 245 -19.52 -9.51 -8.35
C LEU B 245 -18.13 -8.94 -8.05
N VAL B 246 -17.65 -9.18 -6.81
CA VAL B 246 -16.28 -8.88 -6.47
C VAL B 246 -15.61 -10.16 -6.07
N PHE B 247 -14.43 -10.38 -6.62
CA PHE B 247 -13.59 -11.47 -6.21
C PHE B 247 -12.46 -10.88 -5.36
N GLY B 248 -12.11 -11.59 -4.30
CA GLY B 248 -11.11 -11.13 -3.42
C GLY B 248 -9.77 -11.79 -3.71
N CYS B 249 -8.71 -11.00 -3.63
CA CYS B 249 -7.33 -11.49 -3.76
C CYS B 249 -6.41 -10.66 -2.90
N GLY B 250 -5.60 -11.30 -2.04
CA GLY B 250 -4.56 -10.57 -1.32
C GLY B 250 -4.48 -11.04 0.12
N GLY B 251 -3.36 -11.61 0.48
CA GLY B 251 -3.13 -11.94 1.85
C GLY B 251 -3.89 -13.13 2.40
N VAL B 252 -4.45 -14.00 1.57
CA VAL B 252 -5.11 -15.20 2.06
C VAL B 252 -4.10 -16.29 2.34
N TYR B 253 -3.98 -16.68 3.60
CA TYR B 253 -3.23 -17.84 4.03
C TYR B 253 -4.03 -18.86 4.82
N SER B 254 -5.26 -18.56 5.19
CA SER B 254 -6.03 -19.43 6.06
C SER B 254 -7.51 -19.27 5.75
N GLY B 255 -8.34 -20.20 6.26
CA GLY B 255 -9.76 -20.06 6.09
C GLY B 255 -10.28 -18.81 6.81
N GLU B 256 -9.62 -18.38 7.90
CA GLU B 256 -10.08 -17.15 8.53
C GLU B 256 -9.82 -15.90 7.63
N ASP B 257 -8.70 -15.87 6.94
CA ASP B 257 -8.45 -14.77 5.97
C ASP B 257 -9.51 -14.78 4.83
N ALA B 258 -9.89 -15.98 4.34
CA ALA B 258 -10.93 -16.14 3.32
C ALA B 258 -12.30 -15.70 3.84
N PHE B 259 -12.53 -16.00 5.12
CA PHE B 259 -13.77 -15.55 5.82
C PHE B 259 -13.88 -14.03 5.85
N LEU B 260 -12.78 -13.34 6.11
CA LEU B 260 -12.83 -11.92 6.14
C LEU B 260 -13.04 -11.30 4.78
N HIS B 261 -12.37 -11.85 3.75
CA HIS B 261 -12.66 -11.48 2.37
C HIS B 261 -14.12 -11.58 2.01
N ILE B 262 -14.74 -12.71 2.40
CA ILE B 262 -16.12 -12.97 2.06
C ILE B 262 -17.04 -11.98 2.85
N LEU B 263 -16.81 -11.81 4.12
CA LEU B 263 -17.48 -10.77 4.91
C LEU B 263 -17.41 -9.38 4.29
N ALA B 264 -16.25 -9.02 3.72
CA ALA B 264 -16.07 -7.78 2.94
C ALA B 264 -16.82 -7.67 1.65
N GLY B 265 -17.22 -8.80 1.07
CA GLY B 265 -18.01 -8.86 -0.15
C GLY B 265 -17.52 -9.85 -1.20
N ALA B 266 -16.41 -10.55 -0.96
CA ALA B 266 -15.90 -11.45 -1.97
C ALA B 266 -16.81 -12.64 -2.31
N SER B 267 -16.96 -12.91 -3.61
CA SER B 267 -17.61 -14.14 -4.15
C SER B 267 -16.56 -15.25 -4.29
N MET B 268 -15.67 -15.15 -5.24
CA MET B 268 -14.51 -16.01 -5.31
C MET B 268 -13.36 -15.41 -4.50
N VAL B 269 -12.45 -16.27 -4.04
CA VAL B 269 -11.32 -15.88 -3.22
C VAL B 269 -10.06 -16.50 -3.86
N GLN B 270 -9.13 -15.65 -4.28
CA GLN B 270 -7.93 -16.11 -4.98
C GLN B 270 -6.75 -16.15 -3.98
N VAL B 271 -5.77 -17.00 -4.30
CA VAL B 271 -4.68 -17.28 -3.43
C VAL B 271 -3.43 -17.22 -4.31
N GLY B 272 -2.56 -16.23 -4.01
CA GLY B 272 -1.28 -16.01 -4.74
C GLY B 272 -0.09 -16.52 -3.94
N THR B 273 0.49 -15.62 -3.14
CA THR B 273 1.72 -15.90 -2.39
C THR B 273 1.63 -17.18 -1.59
N ALA B 274 0.55 -17.36 -0.88
CA ALA B 274 0.44 -18.56 0.00
C ALA B 274 0.44 -19.86 -0.79
N LEU B 275 -0.16 -19.82 -1.97
CA LEU B 275 -0.14 -20.94 -2.88
C LEU B 275 1.25 -21.20 -3.49
N GLN B 276 1.94 -20.16 -3.90
CA GLN B 276 3.29 -20.25 -4.35
C GLN B 276 4.14 -20.91 -3.30
N GLU B 277 3.92 -20.61 -2.03
CA GLU B 277 4.76 -21.09 -0.97
C GLU B 277 4.43 -22.47 -0.47
N GLU B 278 3.15 -22.77 -0.37
CA GLU B 278 2.68 -24.00 0.20
C GLU B 278 2.38 -25.09 -0.83
N GLY B 279 1.96 -24.68 -2.02
CA GLY B 279 1.56 -25.61 -3.06
C GLY B 279 0.08 -25.93 -3.00
N PRO B 280 -0.44 -26.72 -3.96
CA PRO B 280 -1.88 -26.83 -4.14
C PRO B 280 -2.64 -27.58 -3.07
N GLY B 281 -1.93 -28.26 -2.19
CA GLY B 281 -2.55 -28.82 -1.01
C GLY B 281 -3.17 -27.75 -0.11
N ILE B 282 -2.83 -26.48 -0.33
CA ILE B 282 -3.41 -25.38 0.48
C ILE B 282 -4.95 -25.39 0.33
N PHE B 283 -5.43 -25.85 -0.83
CA PHE B 283 -6.87 -25.69 -1.06
C PHE B 283 -7.71 -26.59 -0.15
N THR B 284 -7.19 -27.79 0.16
CA THR B 284 -7.94 -28.64 1.11
C THR B 284 -7.99 -28.02 2.53
N ARG B 285 -6.90 -27.42 2.96
CA ARG B 285 -6.75 -26.79 4.22
C ARG B 285 -7.63 -25.61 4.31
N LEU B 286 -7.67 -24.76 3.27
CA LEU B 286 -8.46 -23.59 3.34
C LEU B 286 -9.94 -23.97 3.45
N GLU B 287 -10.36 -24.93 2.64
CA GLU B 287 -11.76 -25.41 2.71
C GLU B 287 -12.15 -25.87 4.09
N ASP B 288 -11.36 -26.78 4.63
CA ASP B 288 -11.58 -27.33 6.01
C ASP B 288 -11.65 -26.19 7.08
N GLU B 289 -10.71 -25.28 7.01
CA GLU B 289 -10.66 -24.13 7.94
C GLU B 289 -11.89 -23.20 7.82
N LEU B 290 -12.31 -22.93 6.59
CA LEU B 290 -13.45 -22.07 6.40
C LEU B 290 -14.74 -22.77 6.92
N LEU B 291 -14.88 -24.05 6.58
CA LEU B 291 -16.04 -24.84 7.05
C LEU B 291 -16.10 -24.89 8.57
N GLU B 292 -14.94 -24.92 9.22
CA GLU B 292 -14.89 -24.96 10.66
C GLU B 292 -15.38 -23.67 11.30
N ILE B 293 -14.91 -22.54 10.74
CA ILE B 293 -15.46 -21.24 11.13
C ILE B 293 -16.92 -21.12 10.92
N MET B 294 -17.42 -21.53 9.75
CA MET B 294 -18.88 -21.55 9.50
C MET B 294 -19.64 -22.45 10.50
N ALA B 295 -19.11 -23.58 10.84
CA ALA B 295 -19.84 -24.48 11.79
C ALA B 295 -19.94 -23.86 13.19
N ARG B 296 -18.89 -23.21 13.65
CA ARG B 296 -18.87 -22.58 14.96
C ARG B 296 -19.87 -21.43 15.02
N LYS B 297 -20.05 -20.75 13.91
CA LYS B 297 -20.94 -19.60 13.85
C LYS B 297 -22.33 -19.93 13.41
N GLY B 298 -22.57 -21.17 13.05
CA GLY B 298 -23.89 -21.59 12.60
C GLY B 298 -24.28 -21.20 11.17
N TYR B 299 -23.31 -20.84 10.32
CA TYR B 299 -23.60 -20.45 8.93
C TYR B 299 -23.59 -21.70 8.03
N ARG B 300 -24.62 -21.84 7.21
CA ARG B 300 -24.74 -23.02 6.36
C ARG B 300 -24.27 -22.86 4.91
N THR B 301 -24.32 -21.62 4.44
CA THR B 301 -23.87 -21.24 3.13
C THR B 301 -23.09 -19.90 3.14
N LEU B 302 -22.36 -19.66 2.08
CA LEU B 302 -21.56 -18.40 1.92
C LEU B 302 -22.45 -17.14 1.87
N GLU B 303 -23.63 -17.26 1.29
CA GLU B 303 -24.45 -16.08 1.10
C GLU B 303 -24.99 -15.58 2.43
N GLU B 304 -24.98 -16.43 3.46
CA GLU B 304 -25.48 -16.00 4.73
C GLU B 304 -24.60 -14.92 5.38
N PHE B 305 -23.30 -14.84 5.00
CA PHE B 305 -22.45 -13.82 5.53
C PHE B 305 -21.68 -12.98 4.50
N ARG B 306 -21.81 -13.24 3.21
CA ARG B 306 -21.04 -12.48 2.23
C ARG B 306 -21.47 -11.01 2.27
N GLY B 307 -20.51 -10.11 2.44
CA GLY B 307 -20.76 -8.68 2.40
C GLY B 307 -21.41 -8.18 3.71
N ARG B 308 -21.52 -9.01 4.73
CA ARG B 308 -22.23 -8.62 5.96
C ARG B 308 -21.29 -8.12 7.07
N VAL B 309 -20.07 -7.69 6.72
CA VAL B 309 -19.23 -7.06 7.67
C VAL B 309 -20.01 -5.96 8.41
N LYS B 310 -19.91 -5.94 9.73
CA LYS B 310 -20.58 -4.92 10.57
C LYS B 310 -19.73 -3.70 10.74
N THR B 311 -20.34 -2.54 10.72
CA THR B 311 -19.61 -1.32 11.10
C THR B 311 -20.04 -0.86 12.47
N ILE B 312 -19.30 0.07 13.07
CA ILE B 312 -19.55 0.46 14.45
C ILE B 312 -20.47 1.69 14.46
N GLU B 313 -21.59 1.53 15.19
CA GLU B 313 -22.58 2.58 15.40
C GLU B 313 -22.98 3.15 14.04
OAJ W73 C . -6.20 10.86 11.20
CAI W73 C . -5.16 11.55 11.37
OAK W73 C . -5.14 12.47 12.24
C4 W73 C . -3.99 11.31 10.57
N3 W73 C . -3.54 9.92 10.58
C2 W73 C . -2.43 9.51 9.87
O2 W73 C . -2.13 8.29 9.82
N1 W73 C . -1.77 10.48 9.15
C6 W73 C . -2.14 11.84 9.11
O6 W73 C . -1.46 12.57 8.40
C5 W73 C . -3.29 12.28 9.83
CAL W73 C . -3.71 13.69 9.75
CAM W73 C . -4.21 13.92 8.30
CAN W73 C . -5.66 13.90 8.36
CAS W73 C . -6.47 15.01 8.55
CAU W73 C . -5.86 16.28 8.58
CAT W73 C . -6.65 17.41 8.77
CAW W73 C . -8.04 17.28 8.90
CAV W73 C . -8.67 16.05 8.89
CAR W73 C . -7.89 14.92 8.69
CAQ W73 C . -8.54 13.69 8.67
CBA W73 C . -9.91 13.55 8.81
CAZ W73 C . -10.50 12.30 8.78
CAY W73 C . -9.73 11.13 8.61
CAX W73 C . -8.34 11.30 8.46
CAP W73 C . -7.75 12.57 8.54
CAO W73 C . -6.34 12.69 8.37
C1 GOL D . -14.91 5.01 3.57
O1 GOL D . -15.45 6.26 4.10
C2 GOL D . -15.86 4.55 2.48
O2 GOL D . -15.71 5.43 1.36
C3 GOL D . -15.59 3.17 1.99
O3 GOL D . -16.76 2.78 1.22
C1 GOL E . -1.77 9.13 4.92
O1 GOL E . -1.29 8.53 3.70
C2 GOL E . -3.30 8.96 5.05
O2 GOL E . -3.71 7.64 5.51
C3 GOL E . -3.88 10.12 5.91
O3 GOL E . -4.53 9.67 7.12
C1 GOL F . 22.14 12.11 -3.10
O1 GOL F . 22.23 12.52 -1.72
C2 GOL F . 22.70 10.71 -3.34
O2 GOL F . 24.05 10.85 -3.78
C3 GOL F . 21.93 9.88 -4.38
O3 GOL F . 20.74 10.54 -4.82
C1 GOL G . 16.84 7.85 -10.08
O1 GOL G . 17.00 9.26 -10.08
C2 GOL G . 16.34 7.35 -11.44
O2 GOL G . 15.36 8.24 -12.04
C3 GOL G . 15.77 5.96 -11.14
O3 GOL G . 16.61 5.15 -10.28
C1 GOL H . -8.90 -7.83 14.71
O1 GOL H . -9.31 -8.10 16.03
C2 GOL H . -7.69 -8.68 14.36
O2 GOL H . -8.20 -10.00 14.25
C3 GOL H . -7.08 -8.18 13.04
O3 GOL H . -5.93 -8.97 12.63
C1 GOL I . 21.23 21.14 21.67
O1 GOL I . 21.89 22.32 21.10
C2 GOL I . 21.55 19.88 20.84
O2 GOL I . 20.68 19.82 19.66
C3 GOL I . 21.48 18.62 21.71
O3 GOL I . 21.51 17.42 20.88
C1 GOL J . 17.20 23.73 17.96
O1 GOL J . 16.93 25.13 17.65
C2 GOL J . 18.38 23.57 18.92
O2 GOL J . 19.51 24.34 18.50
C3 GOL J . 18.85 22.13 18.96
O3 GOL J . 18.33 21.37 20.04
C1 GOL K . -1.19 9.59 -7.02
O1 GOL K . -1.91 8.46 -6.54
C2 GOL K . -1.92 10.07 -8.29
O2 GOL K . -3.32 10.24 -8.11
C3 GOL K . -1.32 11.37 -8.75
O3 GOL K . -1.87 11.68 -10.02
N1 FMN L . 1.27 11.66 10.39
C2 FMN L . 1.30 13.02 10.33
O2 FMN L . 2.11 13.53 9.51
N3 FMN L . 0.57 13.82 11.11
C4 FMN L . -0.19 13.42 12.05
O4 FMN L . -0.89 14.10 12.88
C4A FMN L . -0.30 11.97 12.20
N5 FMN L . -1.11 11.41 13.14
C5A FMN L . -1.00 10.09 13.47
C6 FMN L . -1.69 9.48 14.52
C7 FMN L . -1.66 8.10 14.78
C7M FMN L . -2.39 7.46 15.93
C8 FMN L . -0.81 7.25 13.90
C8M FMN L . -0.69 5.76 14.05
C9 FMN L . -0.11 7.84 12.85
C9A FMN L . -0.18 9.23 12.62
N10 FMN L . 0.48 9.77 11.56
C10 FMN L . 0.56 11.13 11.38
C1' FMN L . 1.31 8.96 10.67
C2' FMN L . 2.69 8.60 11.24
O2' FMN L . 3.41 9.83 11.43
C3' FMN L . 3.43 7.65 10.36
O3' FMN L . 3.69 8.30 9.10
C4' FMN L . 2.77 6.30 10.13
O4' FMN L . 2.15 5.82 11.36
C5' FMN L . 3.72 5.26 9.53
O5' FMN L . 4.75 5.01 10.48
P FMN L . 4.76 3.68 11.45
O1P FMN L . 5.91 3.74 12.33
O2P FMN L . 4.74 2.48 10.54
O3P FMN L . 3.47 3.77 12.24
OAJ W73 M . 5.41 -8.77 -13.14
CAI W73 M . 4.40 -9.36 -13.49
OAK W73 M . 4.42 -10.18 -14.41
C4 W73 M . 3.16 -9.06 -12.80
N3 W73 M . 3.27 -9.23 -11.34
C2 W73 M . 2.22 -8.92 -10.48
O2 W73 M . 2.41 -8.95 -9.27
N1 W73 M . 1.02 -8.59 -11.12
C6 W73 M . 0.86 -8.42 -12.51
O6 W73 M . -0.26 -8.08 -12.92
C5 W73 M . 1.98 -8.69 -13.40
CAL W73 M . 1.87 -8.54 -14.78
CAM W73 M . 1.71 -7.02 -15.20
CAN W73 M . 3.04 -6.60 -15.67
CAS W73 M . 3.55 -6.63 -16.96
CAU W73 M . 2.72 -7.05 -17.99
CAT W73 M . 3.19 -7.08 -19.29
CAW W73 M . 4.50 -6.70 -19.56
CAV W73 M . 5.33 -6.26 -18.56
CAR W73 M . 4.88 -6.19 -17.26
CAQ W73 M . 5.78 -5.76 -16.25
CBA W73 M . 7.12 -5.38 -16.46
CAZ W73 M . 7.95 -4.91 -15.41
CAY W73 M . 7.42 -4.89 -14.11
CAX W73 M . 6.09 -5.32 -13.90
CAP W73 M . 5.28 -5.75 -14.97
CAO W73 M . 3.95 -6.14 -14.72
C1 GOL N . -2.22 -32.20 -8.37
O1 GOL N . -0.94 -32.22 -9.01
C2 GOL N . -2.04 -31.96 -6.90
O2 GOL N . -1.55 -33.23 -6.51
C3 GOL N . -3.36 -31.62 -6.18
O3 GOL N . -3.35 -31.08 -4.82
C1 GOL O . 13.30 3.57 -8.34
O1 GOL O . 14.24 4.65 -8.41
C2 GOL O . 13.36 2.91 -9.71
O2 GOL O . 12.81 3.89 -10.65
C3 GOL O . 12.58 1.58 -9.83
O3 GOL O . 12.83 1.04 -11.15
C1 GOL P . -23.53 -16.04 -6.04
O1 GOL P . -23.77 -14.64 -6.39
C2 GOL P . -24.83 -16.64 -5.50
O2 GOL P . -25.08 -16.26 -4.14
C3 GOL P . -24.96 -18.18 -5.55
O3 GOL P . -23.88 -18.95 -5.14
C1 GOL Q . 13.27 -9.20 4.47
O1 GOL Q . 12.67 -9.38 5.75
C2 GOL Q . 14.33 -10.28 4.33
O2 GOL Q . 15.07 -10.15 5.51
C3 GOL Q . 15.28 -10.17 3.12
O3 GOL Q . 16.27 -11.23 3.13
C1 GOL R . 9.32 -18.07 -8.46
O1 GOL R . 10.24 -19.07 -8.04
C2 GOL R . 8.61 -18.55 -9.70
O2 GOL R . 9.36 -18.07 -10.80
C3 GOL R . 7.19 -18.06 -9.76
O3 GOL R . 6.63 -18.33 -11.06
C1 GOL S . -5.60 7.68 -10.60
O1 GOL S . -6.05 8.99 -10.96
C2 GOL S . -4.54 7.77 -9.50
O2 GOL S . -3.35 8.33 -10.04
C3 GOL S . -4.28 6.39 -8.91
O3 GOL S . -3.11 6.36 -8.05
C1 GOL T . -0.49 6.11 -5.45
O1 GOL T . 0.72 5.90 -6.42
C2 GOL T . -2.10 5.88 -5.68
O2 GOL T . -2.41 4.73 -6.47
C3 GOL T . -3.20 5.85 -4.53
O3 GOL T . -4.75 5.60 -4.65
C1 GOL U . 2.12 -4.65 -11.19
O1 GOL U . 2.96 -5.76 -10.74
C2 GOL U . 1.60 -3.89 -9.95
O2 GOL U . 2.44 -4.19 -8.78
C3 GOL U . 0.11 -4.26 -9.65
O3 GOL U . -0.54 -3.33 -8.77
N1 FMN V . -1.63 -10.84 -11.32
C2 FMN V . -2.13 -10.80 -12.58
O2 FMN V . -3.32 -10.38 -12.68
N3 FMN V . -1.51 -11.38 -13.65
C4 FMN V . -0.30 -11.95 -13.52
O4 FMN V . 0.37 -12.53 -14.44
C4A FMN V . 0.32 -11.99 -12.22
N5 FMN V . 1.54 -12.53 -12.05
C5A FMN V . 2.05 -12.71 -10.77
C6 FMN V . 3.22 -13.45 -10.56
C7 FMN V . 3.72 -13.66 -9.30
C7M FMN V . 5.00 -14.44 -9.08
C8 FMN V . 2.98 -13.08 -8.16
C8M FMN V . 3.48 -13.26 -6.80
C9 FMN V . 1.78 -12.38 -8.33
C9A FMN V . 1.31 -12.19 -9.64
N10 FMN V . 0.11 -11.48 -9.82
C10 FMN V . -0.42 -11.39 -11.08
C1' FMN V . -0.67 -10.93 -8.72
C2' FMN V . -1.47 -11.99 -7.97
O2' FMN V . -2.39 -12.44 -8.91
C3' FMN V . -2.12 -11.33 -6.79
O3' FMN V . -3.00 -10.28 -7.23
C4' FMN V . -1.09 -10.76 -5.71
O4' FMN V . 0.02 -11.66 -5.59
C5' FMN V . -1.82 -10.57 -4.35
O5' FMN V . -2.31 -11.81 -3.81
P FMN V . -1.49 -12.59 -2.63
O1P FMN V . -2.27 -13.87 -2.41
O2P FMN V . -1.34 -11.63 -1.50
O3P FMN V . -0.08 -12.83 -3.25
CO NCO W . 7.46 -24.71 -3.52
N1 NCO W . 7.21 -26.32 -4.82
N2 NCO W . 7.72 -23.12 -2.27
N3 NCO W . 7.06 -23.46 -5.03
N4 NCO W . 5.46 -24.75 -3.12
N5 NCO W . 7.87 -25.97 -2.05
N6 NCO W . 9.51 -24.67 -3.91
#